data_8CWK
#
_entry.id   8CWK
#
_cell.length_a   133.155
_cell.length_b   99.343
_cell.length_c   124.957
_cell.angle_alpha   90.000
_cell.angle_beta   108.630
_cell.angle_gamma   90.000
#
_symmetry.space_group_name_H-M   'C 1 2 1'
#
loop_
_entity.id
_entity.type
_entity.pdbx_description
1 polymer 'Heavy chain of Fab arm of antibody 10G4'
2 polymer 'Light chain of Fab arm of antibody 10G4'
3 polymer 'Heavy chain of Fab arm of antibody 4G1-C2'
4 polymer 'Light chain of Fab arm of antibody 4G1-C2'
5 polymer 'Spike protein S1'
6 non-polymer GLYCEROL
7 non-polymer 2-acetamido-2-deoxy-beta-D-glucopyranose
8 water water
#
loop_
_entity_poly.entity_id
_entity_poly.type
_entity_poly.pdbx_seq_one_letter_code
_entity_poly.pdbx_strand_id
1 'polypeptide(L)'
;QVQLVESGGGVVQPGRSLRLSCAASGFTFSSYGMHWVRQAPGKGLEWVAVIWYDGSDKYYADSVKGRFTISRDNSKNTLY
LQINSLRAEDTAMYYCAREATAGFDYWGQGNLVTVSSASTKGPSVFPLAPSSKSTSGGTAALGCLVKDYFPEPVTVSWNS
GALTSGVHTFPAVLQSSGLYSLSSVVTVPSSSLGTQTYICNVNHKPSNTKVDKKVEPKSCGSHHHHHH
;
H
2 'polypeptide(L)'
;NIQMTQSPSAMSASVGDRVTITCRARQDISSYLAWFQQKPGKVPKHLIYAASTLLSGVPSRFSGSGSGTEFTLTISSLQP
EDFATYYCLQHNSYPYTFGQGTKLEINRTVAAPSVFIFPPSDEQLKSGTASVVCLLNNFYPREAKVQWKVDNALQSGNSQ
ESVTEQDSKDSTYSLSSTLTLSKADYEKHKVYACEVTHQGLSSPVTKSFNRGECS
;
L
3 'polypeptide(L)'
;EVQLLESGGGLVQPGGSLRLSCAASGFRFDYEDMGWVRQAPGKGLEWVSSIDSHGASTYYADSVKGRFTISRDNSKNTLY
LQMNSLRAEDTAVYYCAKYSHSVSYGPFDYWGQGTLVTVSSASTKGPSVFPLAPSSKSTSGGTAALGCLVKDYFPEPVTV
SWNSGALTSGVHTFPAVLQSSGLYSLSSVVTVPSSSLGTQTYICNVNHKPSNTKVDKKVEPKSCGSHHHHHH
;
A
4 'polypeptide(L)'
;DIQMTQSPSSLSASVGDRVTITCRASQYIYDDLNWYQQKPGKAPKLLIYSASSLQSGVPSRFSGSGSGTDFTLTISSLQP
EDFATYYCQQAWPYPLTFGQGTKVEIKRTVAAPSVFIFPPSDEQLKSGTASVVCLLNNFYPREAKVQWKVDNALQSGNSQ
ESVTEQDSKDSTYSLSSTLTLSKADYEKHKVYACEVTHQGLSSPVTKSFNRGECS
;
B
5 'polypeptide(L)'
;TNLCPFGEVFNATRFASVYAWNRKRISNCVADYSVLYNSASFSTFKCYGVSPTKLNDLCFTNVYADSFVIRGDEVRQIAP
GQTGKIADYNYKLPDDFTGCVIAWNSNNLDSKVGGNYNYLYRLFRKSNLKPFERDISTEIYQAGSTPCNGVEGFNCYFPL
QSYGFQPTNGVGYQPYRVVVLSFELLHAPATVCGPKGSHHHHHH
;
C
#
# COMPACT_ATOMS: atom_id res chain seq x y z
N GLN A 1 2.57 -23.88 -3.13
CA GLN A 1 4.03 -23.88 -3.13
C GLN A 1 4.55 -22.80 -4.08
N VAL A 2 5.24 -21.81 -3.50
CA VAL A 2 5.82 -20.74 -4.31
C VAL A 2 6.98 -21.30 -5.12
N GLN A 3 6.96 -21.04 -6.43
CA GLN A 3 8.00 -21.51 -7.33
C GLN A 3 8.33 -20.42 -8.35
N LEU A 4 9.62 -20.14 -8.48
CA LEU A 4 10.17 -19.25 -9.50
C LEU A 4 11.08 -20.09 -10.37
N VAL A 5 10.69 -20.34 -11.62
CA VAL A 5 11.45 -21.18 -12.52
C VAL A 5 12.02 -20.31 -13.63
N GLU A 6 13.33 -20.28 -13.75
CA GLU A 6 13.99 -19.39 -14.69
C GLU A 6 14.34 -20.12 -15.98
N SER A 7 14.47 -19.34 -17.05
CA SER A 7 14.79 -19.92 -18.35
C SER A 7 15.39 -18.84 -19.24
N GLY A 8 16.00 -19.28 -20.34
CA GLY A 8 16.48 -18.37 -21.36
C GLY A 8 17.96 -18.10 -21.39
N GLY A 9 18.75 -18.79 -20.60
CA GLY A 9 20.19 -18.59 -20.58
C GLY A 9 20.91 -19.48 -21.57
N GLY A 10 22.18 -19.73 -21.29
CA GLY A 10 23.02 -20.55 -22.13
C GLY A 10 24.15 -19.75 -22.75
N VAL A 11 24.76 -20.35 -23.77
CA VAL A 11 25.84 -19.72 -24.52
C VAL A 11 25.26 -18.64 -25.42
N VAL A 12 25.94 -17.50 -25.50
CA VAL A 12 25.59 -16.42 -26.41
C VAL A 12 26.87 -15.74 -26.86
N GLN A 13 26.85 -15.22 -28.07
CA GLN A 13 28.03 -14.56 -28.63
C GLN A 13 28.07 -13.11 -28.16
N PRO A 14 29.27 -12.53 -27.99
CA PRO A 14 29.35 -11.13 -27.55
C PRO A 14 28.60 -10.20 -28.52
N GLY A 15 28.04 -9.12 -27.96
CA GLY A 15 27.33 -8.13 -28.73
C GLY A 15 25.90 -8.47 -29.11
N ARG A 16 25.49 -9.73 -28.98
CA ARG A 16 24.12 -10.13 -29.29
C ARG A 16 23.22 -9.85 -28.09
N SER A 17 21.98 -10.32 -28.13
CA SER A 17 20.99 -10.04 -27.10
C SER A 17 20.43 -11.33 -26.51
N LEU A 18 19.93 -11.21 -25.28
CA LEU A 18 19.28 -12.33 -24.59
C LEU A 18 18.13 -11.80 -23.75
N ARG A 19 17.15 -12.66 -23.49
CA ARG A 19 16.00 -12.31 -22.68
C ARG A 19 15.73 -13.44 -21.69
N LEU A 20 16.03 -13.18 -20.42
CA LEU A 20 15.81 -14.16 -19.37
C LEU A 20 14.39 -14.06 -18.85
N SER A 21 13.79 -15.22 -18.59
CA SER A 21 12.46 -15.34 -18.05
C SER A 21 12.50 -15.94 -16.66
N CYS A 22 11.52 -15.55 -15.85
CA CYS A 22 11.32 -16.08 -14.50
C CYS A 22 9.81 -16.27 -14.39
N ALA A 23 9.37 -17.52 -14.50
CA ALA A 23 7.95 -17.85 -14.43
C ALA A 23 7.57 -18.11 -12.97
N ALA A 24 6.58 -17.38 -12.48
CA ALA A 24 6.14 -17.49 -11.10
C ALA A 24 4.87 -18.31 -11.03
N SER A 25 4.77 -19.16 -10.00
CA SER A 25 3.54 -19.85 -9.70
C SER A 25 3.45 -20.08 -8.20
N GLY A 26 2.23 -20.28 -7.72
CA GLY A 26 2.01 -20.56 -6.32
C GLY A 26 1.77 -19.35 -5.45
N PHE A 27 1.62 -18.16 -6.04
CA PHE A 27 1.27 -16.95 -5.31
C PHE A 27 0.73 -15.94 -6.31
N THR A 28 0.26 -14.81 -5.80
CA THR A 28 -0.31 -13.76 -6.65
C THR A 28 0.84 -12.88 -7.14
N PHE A 29 1.34 -13.20 -8.34
CA PHE A 29 2.54 -12.57 -8.87
C PHE A 29 2.42 -11.05 -8.95
N SER A 30 1.22 -10.53 -9.20
CA SER A 30 1.06 -9.08 -9.37
C SER A 30 1.13 -8.32 -8.05
N SER A 31 1.13 -9.02 -6.91
CA SER A 31 1.19 -8.39 -5.60
C SER A 31 2.60 -8.19 -5.08
N TYR A 32 3.64 -8.54 -5.84
CA TYR A 32 5.00 -8.52 -5.32
C TYR A 32 5.94 -7.87 -6.32
N GLY A 33 6.78 -6.97 -5.83
CA GLY A 33 7.92 -6.52 -6.60
C GLY A 33 8.91 -7.65 -6.82
N MET A 34 9.78 -7.48 -7.81
CA MET A 34 10.71 -8.55 -8.15
C MET A 34 12.08 -7.97 -8.48
N HIS A 35 13.12 -8.70 -8.08
CA HIS A 35 14.51 -8.30 -8.24
C HIS A 35 15.26 -9.31 -9.10
N TRP A 36 16.26 -8.82 -9.82
CA TRP A 36 17.26 -9.64 -10.50
C TRP A 36 18.60 -9.42 -9.83
N VAL A 37 19.27 -10.54 -9.50
CA VAL A 37 20.61 -10.56 -8.92
C VAL A 37 21.46 -11.49 -9.77
N ARG A 38 22.76 -11.21 -9.88
CA ARG A 38 23.61 -12.09 -10.65
C ARG A 38 24.94 -12.31 -9.92
N GLN A 39 25.68 -13.30 -10.40
CA GLN A 39 26.94 -13.71 -9.79
C GLN A 39 27.84 -14.26 -10.89
N ALA A 40 28.85 -13.50 -11.27
CA ALA A 40 29.88 -14.00 -12.16
C ALA A 40 30.62 -15.14 -11.47
N PRO A 41 31.14 -16.12 -12.23
CA PRO A 41 31.69 -17.33 -11.60
C PRO A 41 32.83 -17.01 -10.65
N GLY A 42 32.75 -17.58 -9.44
CA GLY A 42 33.72 -17.35 -8.38
C GLY A 42 33.68 -15.99 -7.74
N LYS A 43 32.73 -15.12 -8.10
CA LYS A 43 32.69 -13.73 -7.65
C LYS A 43 31.49 -13.52 -6.72
N GLY A 44 31.33 -12.27 -6.25
CA GLY A 44 30.31 -11.97 -5.28
C GLY A 44 28.94 -11.72 -5.90
N LEU A 45 27.93 -11.66 -5.03
CA LEU A 45 26.59 -11.30 -5.49
C LEU A 45 26.60 -9.85 -6.02
N GLU A 46 25.74 -9.61 -7.01
CA GLU A 46 25.61 -8.30 -7.64
C GLU A 46 24.15 -8.02 -7.85
N TRP A 47 23.67 -6.89 -7.32
CA TRP A 47 22.28 -6.51 -7.49
C TRP A 47 22.12 -5.89 -8.87
N VAL A 48 21.16 -6.40 -9.65
CA VAL A 48 20.99 -6.02 -11.03
C VAL A 48 19.85 -5.02 -11.17
N ALA A 49 18.64 -5.42 -10.79
CA ALA A 49 17.52 -4.51 -11.03
C ALA A 49 16.31 -4.88 -10.18
N VAL A 50 15.36 -3.95 -10.08
CA VAL A 50 14.09 -4.20 -9.41
C VAL A 50 12.96 -3.60 -10.24
N ILE A 51 11.80 -4.29 -10.24
CA ILE A 51 10.58 -3.80 -10.87
C ILE A 51 9.46 -3.84 -9.85
N TRP A 52 8.63 -2.79 -9.87
CA TRP A 52 7.45 -2.68 -9.01
C TRP A 52 6.46 -3.81 -9.30
N TYR A 53 5.59 -4.05 -8.32
CA TYR A 53 4.58 -5.11 -8.44
C TYR A 53 3.67 -4.88 -9.64
N ASP A 54 3.32 -3.63 -9.91
CA ASP A 54 2.39 -3.35 -11.00
C ASP A 54 3.10 -3.13 -12.34
N GLY A 55 4.43 -3.12 -12.34
CA GLY A 55 5.22 -2.84 -13.53
C GLY A 55 5.67 -1.41 -13.69
N SER A 56 5.31 -0.53 -12.76
CA SER A 56 5.61 0.90 -12.93
C SER A 56 7.08 1.20 -12.68
N ASP A 57 7.45 1.48 -11.43
CA ASP A 57 8.81 1.90 -11.13
C ASP A 57 9.81 0.78 -11.38
N LYS A 58 10.97 1.15 -11.93
CA LYS A 58 12.06 0.23 -12.23
C LYS A 58 13.37 0.89 -11.82
N TYR A 59 14.32 0.09 -11.32
CA TYR A 59 15.61 0.63 -10.94
C TYR A 59 16.72 -0.35 -11.32
N TYR A 60 17.88 0.21 -11.63
CA TYR A 60 19.01 -0.54 -12.17
C TYR A 60 20.28 -0.19 -11.42
N ALA A 61 21.17 -1.18 -11.30
CA ALA A 61 22.55 -0.92 -10.94
C ALA A 61 23.20 0.01 -11.97
N ASP A 62 24.21 0.75 -11.52
CA ASP A 62 24.92 1.65 -12.42
C ASP A 62 25.59 0.88 -13.56
N SER A 63 26.16 -0.29 -13.28
CA SER A 63 26.92 -1.01 -14.29
C SER A 63 26.06 -1.56 -15.41
N VAL A 64 24.74 -1.64 -15.23
CA VAL A 64 23.87 -2.24 -16.22
C VAL A 64 22.86 -1.26 -16.79
N LYS A 65 22.79 -0.04 -16.26
CA LYS A 65 21.77 0.91 -16.71
C LYS A 65 22.04 1.32 -18.16
N GLY A 66 20.97 1.37 -18.94
CA GLY A 66 21.06 1.69 -20.36
C GLY A 66 21.24 0.48 -21.24
N ARG A 67 21.86 -0.59 -20.73
CA ARG A 67 22.02 -1.83 -21.47
C ARG A 67 21.01 -2.89 -21.08
N PHE A 68 20.63 -2.96 -19.80
CA PHE A 68 19.63 -3.92 -19.32
C PHE A 68 18.29 -3.22 -19.22
N THR A 69 17.21 -3.96 -19.48
CA THR A 69 15.87 -3.46 -19.15
C THR A 69 15.08 -4.57 -18.46
N ILE A 70 14.47 -4.23 -17.32
CA ILE A 70 13.64 -5.16 -16.57
C ILE A 70 12.19 -4.97 -17.00
N SER A 71 11.43 -6.06 -17.07
CA SER A 71 10.03 -5.93 -17.45
C SER A 71 9.25 -7.08 -16.82
N ARG A 72 7.92 -7.03 -16.94
CA ARG A 72 7.09 -8.09 -16.37
C ARG A 72 5.72 -8.11 -17.02
N ASP A 73 5.14 -9.30 -17.06
CA ASP A 73 3.80 -9.54 -17.58
C ASP A 73 3.00 -10.23 -16.48
N ASN A 74 2.06 -9.50 -15.89
CA ASN A 74 1.31 -10.01 -14.74
C ASN A 74 0.22 -10.99 -15.13
N SER A 75 -0.19 -11.01 -16.40
CA SER A 75 -1.16 -12.00 -16.84
C SER A 75 -0.49 -13.34 -17.14
N LYS A 76 0.72 -13.31 -17.71
CA LYS A 76 1.52 -14.52 -17.90
C LYS A 76 2.23 -14.96 -16.64
N ASN A 77 2.24 -14.12 -15.60
CA ASN A 77 2.94 -14.41 -14.34
C ASN A 77 4.44 -14.58 -14.59
N THR A 78 5.03 -13.63 -15.31
CA THR A 78 6.40 -13.83 -15.75
C THR A 78 7.20 -12.53 -15.68
N LEU A 79 8.42 -12.65 -15.15
CA LEU A 79 9.36 -11.55 -15.05
C LEU A 79 10.44 -11.73 -16.13
N TYR A 80 10.93 -10.62 -16.67
CA TYR A 80 11.87 -10.66 -17.77
C TYR A 80 13.05 -9.73 -17.50
N LEU A 81 14.23 -10.15 -17.96
CA LEU A 81 15.41 -9.29 -17.98
C LEU A 81 15.99 -9.33 -19.39
N GLN A 82 15.96 -8.18 -20.08
CA GLN A 82 16.48 -8.07 -21.43
C GLN A 82 17.89 -7.51 -21.36
N ILE A 83 18.83 -8.19 -22.03
CA ILE A 83 20.24 -7.81 -22.02
C ILE A 83 20.69 -7.65 -23.46
N ASN A 84 21.07 -6.42 -23.83
CA ASN A 84 21.59 -6.11 -25.14
C ASN A 84 23.09 -5.91 -25.07
N SER A 85 23.75 -6.03 -26.22
CA SER A 85 25.19 -5.77 -26.34
C SER A 85 25.99 -6.58 -25.31
N LEU A 86 25.78 -7.89 -25.31
CA LEU A 86 26.39 -8.76 -24.31
C LEU A 86 27.90 -8.72 -24.34
N ARG A 87 28.51 -8.53 -23.16
CA ARG A 87 29.96 -8.54 -22.99
C ARG A 87 30.40 -9.64 -22.02
N ALA A 88 31.72 -9.76 -21.86
CA ALA A 88 32.30 -10.79 -21.01
C ALA A 88 31.89 -10.63 -19.54
N GLU A 89 31.75 -9.38 -19.08
CA GLU A 89 31.33 -9.12 -17.71
C GLU A 89 29.92 -9.62 -17.41
N ASP A 90 29.14 -9.97 -18.43
CA ASP A 90 27.78 -10.45 -18.26
C ASP A 90 27.67 -11.94 -18.03
N THR A 91 28.75 -12.70 -18.24
CA THR A 91 28.76 -14.12 -17.91
C THR A 91 28.52 -14.31 -16.41
N ALA A 92 27.42 -14.98 -16.06
CA ALA A 92 27.00 -15.03 -14.66
C ALA A 92 25.84 -15.99 -14.48
N MET A 93 25.64 -16.41 -13.23
CA MET A 93 24.37 -16.97 -12.80
C MET A 93 23.42 -15.83 -12.51
N TYR A 94 22.20 -15.91 -13.05
CA TYR A 94 21.17 -14.90 -12.83
C TYR A 94 20.05 -15.51 -12.00
N TYR A 95 19.62 -14.78 -10.97
CA TYR A 95 18.56 -15.19 -10.06
C TYR A 95 17.46 -14.13 -10.04
N CYS A 96 16.21 -14.58 -10.02
CA CYS A 96 15.11 -13.70 -9.68
C CYS A 96 14.76 -13.90 -8.22
N ALA A 97 14.23 -12.84 -7.60
CA ALA A 97 13.90 -12.87 -6.18
C ALA A 97 12.65 -12.06 -5.90
N ARG A 98 11.69 -12.68 -5.23
CA ARG A 98 10.49 -11.99 -4.79
C ARG A 98 10.81 -11.10 -3.59
N GLU A 99 10.31 -9.87 -3.59
CA GLU A 99 10.38 -9.01 -2.42
C GLU A 99 9.06 -9.07 -1.68
N ALA A 100 9.09 -9.48 -0.41
CA ALA A 100 7.91 -9.59 0.44
C ALA A 100 8.18 -8.93 1.79
N THR A 101 7.13 -8.85 2.62
CA THR A 101 7.34 -8.35 3.98
C THR A 101 8.21 -9.29 4.79
N ALA A 102 8.18 -10.59 4.48
CA ALA A 102 9.10 -11.54 5.08
C ALA A 102 10.55 -11.37 4.60
N GLY A 103 10.79 -10.62 3.53
CA GLY A 103 12.15 -10.42 3.03
C GLY A 103 12.30 -10.88 1.59
N PHE A 104 13.53 -11.09 1.11
CA PHE A 104 13.74 -11.79 -0.15
C PHE A 104 13.57 -13.27 0.16
N ASP A 105 12.32 -13.71 0.18
CA ASP A 105 12.05 -15.01 0.76
C ASP A 105 12.05 -16.13 -0.26
N TYR A 106 11.90 -15.82 -1.56
CA TYR A 106 11.87 -16.86 -2.57
C TYR A 106 12.76 -16.46 -3.74
N TRP A 107 13.66 -17.37 -4.12
CA TRP A 107 14.59 -17.18 -5.21
C TRP A 107 14.41 -18.28 -6.24
N GLY A 108 14.56 -17.93 -7.51
CA GLY A 108 14.70 -18.94 -8.53
C GLY A 108 16.02 -19.68 -8.38
N GLN A 109 16.10 -20.87 -9.00
CA GLN A 109 17.28 -21.70 -8.82
C GLN A 109 18.51 -21.14 -9.53
N GLY A 110 18.33 -20.24 -10.48
CA GLY A 110 19.51 -19.70 -11.14
C GLY A 110 19.61 -20.14 -12.59
N ASN A 111 19.99 -19.21 -13.46
CA ASN A 111 20.14 -19.49 -14.87
C ASN A 111 21.48 -18.96 -15.33
N LEU A 112 22.32 -19.86 -15.84
CA LEU A 112 23.67 -19.48 -16.26
C LEU A 112 23.64 -18.88 -17.65
N VAL A 113 24.34 -17.77 -17.81
CA VAL A 113 24.54 -17.08 -19.08
C VAL A 113 26.03 -17.06 -19.31
N THR A 114 26.47 -17.63 -20.44
CA THR A 114 27.88 -17.69 -20.80
C THR A 114 28.08 -16.91 -22.10
N VAL A 115 28.81 -15.80 -22.01
CA VAL A 115 29.12 -14.96 -23.16
C VAL A 115 30.42 -15.50 -23.79
N SER A 116 30.29 -16.20 -24.91
CA SER A 116 31.44 -16.84 -25.53
C SER A 116 31.31 -16.88 -27.05
N SER A 117 32.45 -16.75 -27.73
CA SER A 117 32.50 -17.00 -29.16
C SER A 117 32.82 -18.44 -29.49
N ALA A 118 33.04 -19.29 -28.49
CA ALA A 118 33.48 -20.66 -28.73
C ALA A 118 32.28 -21.59 -28.92
N SER A 119 32.53 -22.70 -29.61
CA SER A 119 31.49 -23.68 -29.87
C SER A 119 31.33 -24.60 -28.66
N THR A 120 30.09 -25.00 -28.39
CA THR A 120 29.84 -25.92 -27.29
C THR A 120 30.43 -27.28 -27.61
N LYS A 121 30.96 -27.94 -26.59
CA LYS A 121 31.54 -29.27 -26.75
C LYS A 121 31.01 -30.16 -25.64
N GLY A 122 30.37 -31.26 -26.01
CA GLY A 122 29.86 -32.20 -25.06
C GLY A 122 30.97 -33.05 -24.50
N PRO A 123 30.78 -33.60 -23.32
CA PRO A 123 31.86 -34.31 -22.63
C PRO A 123 31.97 -35.77 -23.03
N SER A 124 33.17 -36.31 -22.82
CA SER A 124 33.37 -37.75 -22.77
C SER A 124 33.17 -38.20 -21.33
N VAL A 125 32.63 -39.42 -21.17
CA VAL A 125 32.33 -39.96 -19.85
C VAL A 125 33.03 -41.31 -19.73
N PHE A 126 33.92 -41.42 -18.75
CA PHE A 126 34.75 -42.60 -18.54
C PHE A 126 34.55 -43.14 -17.13
N PRO A 127 34.55 -44.46 -16.95
CA PRO A 127 34.39 -45.00 -15.61
C PRO A 127 35.68 -44.93 -14.80
N LEU A 128 35.52 -44.64 -13.51
CA LEU A 128 36.58 -44.81 -12.53
C LEU A 128 36.27 -46.11 -11.80
N ALA A 129 36.89 -47.19 -12.26
CA ALA A 129 36.52 -48.52 -11.80
C ALA A 129 37.02 -48.76 -10.38
N PRO A 130 36.24 -49.40 -9.53
CA PRO A 130 36.74 -49.77 -8.21
C PRO A 130 37.69 -50.95 -8.32
N SER A 131 38.68 -50.94 -7.44
CA SER A 131 39.68 -52.00 -7.37
C SER A 131 40.25 -52.01 -5.95
N SER A 132 41.19 -52.92 -5.71
CA SER A 132 41.86 -52.96 -4.41
C SER A 132 42.63 -51.68 -4.13
N LYS A 133 42.95 -50.89 -5.16
CA LYS A 133 43.60 -49.60 -4.98
C LYS A 133 42.61 -48.47 -4.71
N SER A 134 41.32 -48.79 -4.59
CA SER A 134 40.31 -47.82 -4.22
C SER A 134 39.40 -48.33 -3.10
N THR A 135 39.83 -49.35 -2.36
CA THR A 135 39.13 -49.79 -1.16
C THR A 135 40.04 -49.64 0.06
N SER A 136 39.42 -49.40 1.20
CA SER A 136 40.11 -49.36 2.49
C SER A 136 39.08 -49.66 3.57
N GLY A 137 39.34 -50.70 4.36
CA GLY A 137 38.36 -51.12 5.35
C GLY A 137 37.12 -51.63 4.63
N GLY A 138 35.96 -51.34 5.20
CA GLY A 138 34.73 -51.76 4.55
C GLY A 138 34.30 -50.91 3.38
N THR A 139 35.15 -50.00 2.91
CA THR A 139 34.79 -48.95 1.96
C THR A 139 35.49 -49.14 0.63
N ALA A 140 34.76 -48.93 -0.46
CA ALA A 140 35.33 -48.85 -1.79
C ALA A 140 34.85 -47.56 -2.47
N ALA A 141 35.70 -47.01 -3.34
CA ALA A 141 35.39 -45.81 -4.10
C ALA A 141 35.31 -46.16 -5.58
N LEU A 142 34.32 -45.59 -6.27
CA LEU A 142 34.21 -45.71 -7.72
C LEU A 142 33.64 -44.40 -8.25
N GLY A 143 33.68 -44.19 -9.55
CA GLY A 143 33.17 -42.93 -10.03
C GLY A 143 33.09 -42.81 -11.53
N CYS A 144 32.98 -41.56 -11.97
CA CYS A 144 32.88 -41.19 -13.38
C CYS A 144 33.71 -39.94 -13.62
N LEU A 145 34.48 -39.96 -14.70
CA LEU A 145 35.24 -38.81 -15.16
C LEU A 145 34.50 -38.19 -16.33
N VAL A 146 34.13 -36.93 -16.19
CA VAL A 146 33.39 -36.17 -17.19
C VAL A 146 34.37 -35.16 -17.76
N LYS A 147 34.92 -35.46 -18.93
CA LYS A 147 36.12 -34.80 -19.41
C LYS A 147 35.82 -34.01 -20.69
N ASP A 148 36.40 -32.81 -20.75
CA ASP A 148 36.51 -32.00 -21.96
C ASP A 148 35.17 -31.50 -22.47
N TYR A 149 34.51 -30.63 -21.73
CA TYR A 149 33.27 -30.05 -22.19
C TYR A 149 33.32 -28.53 -22.02
N PHE A 150 32.43 -27.86 -22.76
CA PHE A 150 32.24 -26.43 -22.67
C PHE A 150 30.84 -26.12 -23.20
N PRO A 151 30.10 -25.19 -22.58
CA PRO A 151 30.41 -24.55 -21.31
C PRO A 151 29.88 -25.36 -20.13
N GLU A 152 29.97 -24.78 -18.93
CA GLU A 152 29.22 -25.27 -17.79
C GLU A 152 27.72 -25.10 -18.05
N PRO A 153 26.87 -25.88 -17.34
CA PRO A 153 27.18 -26.89 -16.34
C PRO A 153 26.95 -28.33 -16.80
N VAL A 154 27.45 -29.25 -16.00
CA VAL A 154 27.18 -30.67 -16.12
C VAL A 154 26.47 -31.10 -14.84
N THR A 155 25.43 -31.92 -14.98
CA THR A 155 24.83 -32.55 -13.80
C THR A 155 25.14 -34.04 -13.81
N VAL A 156 25.35 -34.60 -12.62
CA VAL A 156 25.66 -36.02 -12.44
C VAL A 156 24.79 -36.55 -11.31
N SER A 157 24.04 -37.60 -11.59
CA SER A 157 23.37 -38.38 -10.56
C SER A 157 23.89 -39.82 -10.61
N TRP A 158 23.54 -40.58 -9.58
CA TRP A 158 23.94 -41.97 -9.47
C TRP A 158 22.69 -42.83 -9.32
N ASN A 159 22.58 -43.85 -10.18
CA ASN A 159 21.44 -44.74 -10.22
C ASN A 159 20.13 -43.96 -10.30
N SER A 160 20.09 -43.02 -11.25
CA SER A 160 18.91 -42.21 -11.56
C SER A 160 18.32 -41.55 -10.32
N GLY A 161 19.16 -41.27 -9.33
CA GLY A 161 18.74 -40.63 -8.11
C GLY A 161 18.75 -41.54 -6.88
N ALA A 162 18.65 -42.85 -7.08
CA ALA A 162 18.51 -43.78 -5.96
C ALA A 162 19.72 -43.75 -5.04
N LEU A 163 20.91 -43.48 -5.57
CA LEU A 163 22.14 -43.49 -4.79
C LEU A 163 22.58 -42.05 -4.52
N THR A 164 22.67 -41.68 -3.25
CA THR A 164 22.83 -40.30 -2.84
C THR A 164 23.87 -40.13 -1.75
N SER A 165 23.89 -41.07 -0.80
CA SER A 165 24.85 -41.02 0.29
C SER A 165 26.25 -41.37 -0.21
N GLY A 166 27.24 -40.64 0.29
CA GLY A 166 28.63 -40.90 -0.05
C GLY A 166 29.10 -40.33 -1.37
N VAL A 167 28.33 -39.42 -1.97
CA VAL A 167 28.62 -38.91 -3.31
C VAL A 167 29.35 -37.56 -3.18
N HIS A 168 30.49 -37.46 -3.83
CA HIS A 168 31.22 -36.21 -3.99
C HIS A 168 31.26 -35.93 -5.50
N THR A 169 30.51 -34.92 -5.95
CA THR A 169 30.61 -34.45 -7.33
C THR A 169 31.48 -33.20 -7.30
N PHE A 170 32.71 -33.34 -7.75
CA PHE A 170 33.70 -32.28 -7.59
C PHE A 170 33.36 -31.08 -8.46
N PRO A 171 33.69 -29.87 -8.01
CA PRO A 171 33.54 -28.69 -8.88
C PRO A 171 34.38 -28.83 -10.14
N ALA A 172 33.80 -28.39 -11.26
CA ALA A 172 34.54 -28.42 -12.52
C ALA A 172 35.79 -27.55 -12.42
N VAL A 173 36.87 -27.99 -13.04
CA VAL A 173 38.10 -27.22 -13.13
C VAL A 173 38.42 -26.99 -14.60
N LEU A 174 38.86 -25.78 -14.91
CA LEU A 174 39.37 -25.47 -16.25
C LEU A 174 40.65 -26.24 -16.54
N GLN A 175 40.77 -26.77 -17.76
CA GLN A 175 42.02 -27.37 -18.19
C GLN A 175 42.79 -26.39 -19.07
N SER A 176 44.05 -26.73 -19.37
CA SER A 176 44.87 -25.88 -20.23
C SER A 176 44.27 -25.74 -21.60
N SER A 177 43.49 -26.72 -22.06
CA SER A 177 42.78 -26.63 -23.31
C SER A 177 41.67 -25.58 -23.29
N GLY A 178 41.30 -25.06 -22.13
CA GLY A 178 40.18 -24.16 -22.03
C GLY A 178 38.82 -24.85 -21.85
N LEU A 179 38.81 -26.18 -21.79
CA LEU A 179 37.59 -26.96 -21.57
C LEU A 179 37.55 -27.46 -20.13
N TYR A 180 36.33 -27.68 -19.65
CA TYR A 180 36.14 -28.13 -18.27
C TYR A 180 36.23 -29.64 -18.16
N SER A 181 36.51 -30.08 -16.94
CA SER A 181 36.50 -31.49 -16.57
C SER A 181 36.13 -31.61 -15.11
N LEU A 182 35.33 -32.61 -14.77
CA LEU A 182 35.00 -32.88 -13.38
C LEU A 182 34.94 -34.38 -13.17
N SER A 183 34.99 -34.78 -11.91
CA SER A 183 34.82 -36.16 -11.53
C SER A 183 33.75 -36.23 -10.46
N SER A 184 33.02 -37.34 -10.47
CA SER A 184 32.01 -37.65 -9.47
C SER A 184 32.32 -39.03 -8.92
N VAL A 185 32.60 -39.10 -7.62
CA VAL A 185 32.95 -40.36 -6.99
C VAL A 185 31.93 -40.68 -5.90
N VAL A 186 31.78 -41.97 -5.63
CA VAL A 186 30.92 -42.44 -4.56
C VAL A 186 31.65 -43.55 -3.82
N THR A 187 31.57 -43.51 -2.50
CA THR A 187 32.05 -44.56 -1.62
C THR A 187 30.85 -45.42 -1.22
N VAL A 188 31.00 -46.73 -1.39
CA VAL A 188 29.98 -47.71 -1.03
C VAL A 188 30.63 -48.81 -0.24
N PRO A 189 29.85 -49.63 0.48
CA PRO A 189 30.42 -50.82 1.12
C PRO A 189 31.16 -51.67 0.10
N SER A 190 32.37 -52.11 0.48
CA SER A 190 33.17 -52.95 -0.41
C SER A 190 32.45 -54.26 -0.73
N SER A 191 31.61 -54.74 0.18
CA SER A 191 30.88 -55.97 -0.07
C SER A 191 29.81 -55.78 -1.12
N SER A 192 29.17 -54.61 -1.15
CA SER A 192 28.08 -54.33 -2.07
C SER A 192 28.53 -54.26 -3.53
N LEU A 193 29.83 -54.40 -3.81
CA LEU A 193 30.30 -54.28 -5.19
C LEU A 193 29.80 -55.43 -6.06
N GLY A 194 29.70 -56.63 -5.51
CA GLY A 194 29.27 -57.77 -6.31
C GLY A 194 27.78 -57.90 -6.50
N THR A 195 26.97 -57.18 -5.73
CA THR A 195 25.52 -57.37 -5.73
C THR A 195 24.74 -56.17 -6.23
N GLN A 196 25.36 -55.00 -6.30
CA GLN A 196 24.71 -53.76 -6.73
C GLN A 196 25.44 -53.21 -7.95
N THR A 197 24.70 -52.82 -8.98
CA THR A 197 25.32 -52.15 -10.11
C THR A 197 25.25 -50.62 -9.91
N TYR A 198 26.25 -49.94 -10.46
CA TYR A 198 26.43 -48.50 -10.27
C TYR A 198 26.54 -47.84 -11.64
N ILE A 199 25.61 -46.93 -11.91
CA ILE A 199 25.55 -46.21 -13.18
C ILE A 199 25.53 -44.71 -12.89
N CYS A 200 26.44 -43.97 -13.52
CA CYS A 200 26.39 -42.53 -13.41
C CYS A 200 25.62 -41.94 -14.59
N ASN A 201 24.79 -40.96 -14.28
CA ASN A 201 23.94 -40.29 -15.25
C ASN A 201 24.46 -38.86 -15.40
N VAL A 202 25.03 -38.56 -16.56
CA VAL A 202 25.65 -37.28 -16.85
C VAL A 202 24.78 -36.57 -17.88
N ASN A 203 24.47 -35.31 -17.61
CA ASN A 203 23.73 -34.49 -18.54
C ASN A 203 24.46 -33.18 -18.76
N HIS A 204 24.69 -32.84 -20.02
CA HIS A 204 25.26 -31.57 -20.46
C HIS A 204 24.24 -31.01 -21.45
N LYS A 205 23.32 -30.21 -20.93
CA LYS A 205 22.23 -29.68 -21.75
C LYS A 205 22.70 -28.76 -22.87
N PRO A 206 23.73 -27.92 -22.70
CA PRO A 206 24.21 -27.12 -23.85
C PRO A 206 24.51 -27.93 -25.10
N SER A 207 25.10 -29.12 -24.98
CA SER A 207 25.37 -29.97 -26.12
C SER A 207 24.33 -31.06 -26.29
N ASN A 208 23.26 -31.03 -25.49
CA ASN A 208 22.22 -32.05 -25.47
C ASN A 208 22.83 -33.44 -25.38
N THR A 209 23.80 -33.58 -24.48
CA THR A 209 24.45 -34.85 -24.20
C THR A 209 23.83 -35.47 -22.95
N LYS A 210 23.39 -36.73 -23.06
CA LYS A 210 22.93 -37.50 -21.92
C LYS A 210 23.60 -38.87 -22.00
N VAL A 211 24.31 -39.24 -20.94
CA VAL A 211 25.09 -40.48 -20.94
C VAL A 211 24.86 -41.18 -19.62
N ASP A 212 24.61 -42.49 -19.66
CA ASP A 212 24.59 -43.33 -18.47
C ASP A 212 25.71 -44.35 -18.60
N LYS A 213 26.72 -44.27 -17.74
CA LYS A 213 27.84 -45.18 -17.81
C LYS A 213 27.85 -46.12 -16.60
N LYS A 214 27.90 -47.42 -16.89
CA LYS A 214 27.99 -48.44 -15.86
C LYS A 214 29.43 -48.55 -15.40
N VAL A 215 29.65 -48.53 -14.10
CA VAL A 215 30.99 -48.57 -13.52
C VAL A 215 31.18 -49.97 -12.96
N GLU A 216 31.91 -50.79 -13.68
CA GLU A 216 32.14 -52.17 -13.32
C GLU A 216 33.54 -52.34 -12.75
N PRO A 217 33.71 -53.21 -11.76
CA PRO A 217 35.02 -53.34 -11.12
C PRO A 217 36.09 -53.88 -12.07
N LYS A 218 37.34 -53.68 -11.66
CA LYS A 218 38.51 -54.15 -12.40
C LYS A 218 39.71 -54.26 -11.48
N ASN B 1 25.88 5.27 -6.25
CA ASN B 1 26.25 4.00 -5.64
C ASN B 1 26.74 4.17 -4.21
N ILE B 2 26.04 3.54 -3.26
CA ILE B 2 26.54 3.45 -1.90
C ILE B 2 27.49 2.26 -1.85
N GLN B 3 28.79 2.53 -1.70
CA GLN B 3 29.78 1.47 -1.68
C GLN B 3 29.76 0.73 -0.36
N MET B 4 29.76 -0.61 -0.41
CA MET B 4 29.74 -1.48 0.75
C MET B 4 31.05 -2.27 0.83
N THR B 5 31.66 -2.31 2.01
CA THR B 5 32.94 -3.00 2.20
C THR B 5 32.85 -3.92 3.40
N GLN B 6 33.15 -5.20 3.20
CA GLN B 6 33.12 -6.20 4.28
C GLN B 6 34.53 -6.55 4.72
N SER B 7 34.66 -6.85 6.00
CA SER B 7 35.92 -7.33 6.55
C SER B 7 35.62 -8.36 7.63
N PRO B 8 36.40 -9.46 7.69
CA PRO B 8 37.46 -9.80 6.74
C PRO B 8 36.93 -10.41 5.44
N SER B 9 37.80 -10.63 4.46
CA SER B 9 37.37 -11.31 3.25
C SER B 9 37.14 -12.80 3.49
N ALA B 10 37.85 -13.39 4.44
CA ALA B 10 37.77 -14.81 4.72
C ALA B 10 38.19 -15.03 6.16
N MET B 11 37.69 -16.10 6.78
CA MET B 11 38.07 -16.41 8.15
C MET B 11 37.71 -17.84 8.48
N SER B 12 38.30 -18.33 9.57
CA SER B 12 37.99 -19.63 10.12
C SER B 12 37.73 -19.49 11.60
N ALA B 13 36.90 -20.38 12.14
CA ALA B 13 36.67 -20.43 13.57
C ALA B 13 36.19 -21.82 13.94
N SER B 14 36.34 -22.17 15.21
CA SER B 14 35.97 -23.50 15.64
C SER B 14 34.48 -23.57 15.97
N VAL B 15 33.97 -24.81 16.04
CA VAL B 15 32.59 -25.02 16.41
C VAL B 15 32.34 -24.50 17.83
N GLY B 16 31.31 -23.68 17.97
CA GLY B 16 31.00 -23.08 19.25
C GLY B 16 31.60 -21.71 19.48
N ASP B 17 32.49 -21.25 18.59
CA ASP B 17 33.07 -19.93 18.73
C ASP B 17 32.05 -18.84 18.38
N ARG B 18 32.31 -17.65 18.92
CA ARG B 18 31.60 -16.45 18.51
C ARG B 18 32.34 -15.80 17.34
N VAL B 19 31.60 -15.46 16.30
CA VAL B 19 32.14 -14.90 15.07
C VAL B 19 31.41 -13.58 14.78
N THR B 20 32.16 -12.55 14.42
CA THR B 20 31.56 -11.30 14.00
C THR B 20 32.16 -10.89 12.65
N ILE B 21 31.30 -10.48 11.74
CA ILE B 21 31.65 -10.06 10.40
C ILE B 21 31.20 -8.61 10.24
N THR B 22 32.06 -7.78 9.65
CA THR B 22 31.82 -6.35 9.63
C THR B 22 31.49 -5.88 8.22
N CYS B 23 30.54 -4.94 8.16
CA CYS B 23 30.12 -4.29 6.93
C CYS B 23 30.17 -2.78 7.16
N ARG B 24 30.82 -2.06 6.25
CA ARG B 24 30.96 -0.61 6.32
C ARG B 24 30.35 0.00 5.07
N ALA B 25 29.57 1.05 5.26
CA ALA B 25 28.93 1.77 4.17
C ALA B 25 29.61 3.11 3.96
N ARG B 26 29.84 3.48 2.69
CA ARG B 26 30.54 4.73 2.42
C ARG B 26 29.69 5.94 2.76
N GLN B 27 28.36 5.79 2.85
CA GLN B 27 27.46 6.82 3.32
C GLN B 27 26.59 6.25 4.43
N ASP B 28 25.99 7.15 5.20
CA ASP B 28 25.05 6.74 6.23
C ASP B 28 23.86 6.05 5.59
N ILE B 29 23.51 4.88 6.09
CA ILE B 29 22.36 4.14 5.56
C ILE B 29 21.45 3.81 6.73
N SER B 30 21.57 4.57 7.81
CA SER B 30 20.76 4.42 8.99
C SER B 30 20.83 3.00 9.51
N SER B 31 19.71 2.29 9.49
CA SER B 31 19.71 0.89 9.93
C SER B 31 19.23 -0.04 8.82
N TYR B 32 19.41 0.35 7.56
CA TYR B 32 18.85 -0.39 6.44
C TYR B 32 19.92 -1.29 5.81
N LEU B 33 20.26 -2.34 6.55
CA LEU B 33 21.35 -3.23 6.18
C LEU B 33 20.85 -4.67 6.34
N ALA B 34 20.94 -5.44 5.25
CA ALA B 34 20.52 -6.83 5.18
C ALA B 34 21.73 -7.74 5.16
N TRP B 35 21.53 -8.98 5.62
CA TRP B 35 22.55 -10.01 5.55
C TRP B 35 21.98 -11.24 4.86
N PHE B 36 22.81 -11.85 4.02
CA PHE B 36 22.50 -13.04 3.25
C PHE B 36 23.58 -14.10 3.47
N GLN B 37 23.18 -15.36 3.35
CA GLN B 37 24.04 -16.53 3.45
C GLN B 37 23.98 -17.31 2.15
N GLN B 38 25.14 -17.68 1.61
CA GLN B 38 25.19 -18.48 0.39
C GLN B 38 26.14 -19.65 0.58
N LYS B 39 25.60 -20.85 0.65
CA LYS B 39 26.35 -22.09 0.67
C LYS B 39 26.64 -22.53 -0.75
N PRO B 40 27.82 -23.06 -1.02
CA PRO B 40 28.21 -23.38 -2.40
C PRO B 40 27.17 -24.28 -3.07
N GLY B 41 26.72 -23.86 -4.24
CA GLY B 41 25.71 -24.61 -4.97
C GLY B 41 24.30 -24.45 -4.46
N LYS B 42 23.97 -23.30 -3.87
CA LYS B 42 22.60 -23.04 -3.44
C LYS B 42 22.24 -21.58 -3.70
N VAL B 43 20.95 -21.30 -3.69
CA VAL B 43 20.47 -19.94 -3.87
C VAL B 43 20.84 -19.15 -2.62
N PRO B 44 21.12 -17.86 -2.74
CA PRO B 44 21.27 -17.03 -1.53
C PRO B 44 20.08 -17.21 -0.59
N LYS B 45 20.36 -17.08 0.70
CA LYS B 45 19.36 -17.11 1.74
C LYS B 45 19.39 -15.80 2.50
N HIS B 46 18.25 -15.11 2.55
CA HIS B 46 18.12 -13.85 3.29
C HIS B 46 17.99 -14.15 4.77
N LEU B 47 18.96 -13.67 5.57
CA LEU B 47 18.97 -13.90 7.01
C LEU B 47 18.44 -12.71 7.80
N ILE B 48 18.86 -11.50 7.46
CA ILE B 48 18.57 -10.35 8.32
C ILE B 48 18.19 -9.16 7.44
N TYR B 49 17.23 -8.35 7.90
CA TYR B 49 16.98 -7.05 7.30
C TYR B 49 16.89 -6.00 8.40
N ALA B 50 17.02 -4.73 7.98
CA ALA B 50 16.99 -3.60 8.89
C ALA B 50 18.01 -3.78 10.02
N ALA B 51 19.23 -4.17 9.64
CA ALA B 51 20.37 -4.32 10.55
C ALA B 51 20.24 -5.47 11.54
N SER B 52 19.05 -5.70 12.12
CA SER B 52 18.95 -6.62 13.25
C SER B 52 17.71 -7.49 13.29
N THR B 53 16.79 -7.39 12.34
CA THR B 53 15.59 -8.22 12.35
C THR B 53 15.87 -9.55 11.66
N LEU B 54 15.67 -10.65 12.39
CA LEU B 54 15.87 -11.97 11.82
C LEU B 54 14.66 -12.41 11.03
N LEU B 55 14.91 -12.95 9.84
CA LEU B 55 13.85 -13.60 9.10
C LEU B 55 13.38 -14.85 9.84
N SER B 56 12.17 -15.28 9.52
CA SER B 56 11.61 -16.48 10.12
C SER B 56 12.49 -17.68 9.82
N GLY B 57 12.65 -18.54 10.81
CA GLY B 57 13.39 -19.78 10.66
C GLY B 57 14.88 -19.68 10.88
N VAL B 58 15.45 -18.47 10.84
CA VAL B 58 16.90 -18.33 11.08
C VAL B 58 17.23 -18.70 12.52
N PRO B 59 18.20 -19.57 12.76
CA PRO B 59 18.51 -20.00 14.13
C PRO B 59 18.92 -18.83 15.01
N SER B 60 18.81 -19.05 16.32
CA SER B 60 19.01 -17.98 17.29
C SER B 60 20.45 -17.50 17.33
N ARG B 61 21.41 -18.37 16.99
CA ARG B 61 22.81 -17.97 17.05
C ARG B 61 23.14 -16.83 16.09
N PHE B 62 22.26 -16.50 15.15
CA PHE B 62 22.52 -15.40 14.24
C PHE B 62 21.91 -14.11 14.80
N SER B 63 22.66 -13.02 14.67
CA SER B 63 22.26 -11.74 15.24
C SER B 63 22.88 -10.63 14.41
N GLY B 64 22.21 -9.49 14.37
CA GLY B 64 22.68 -8.35 13.62
C GLY B 64 22.73 -7.09 14.46
N SER B 65 23.67 -6.22 14.12
CA SER B 65 23.92 -5.03 14.93
C SER B 65 24.40 -3.88 14.06
N GLY B 66 24.13 -2.66 14.50
CA GLY B 66 24.70 -1.48 13.89
C GLY B 66 23.75 -0.44 13.35
N SER B 67 24.26 0.76 13.11
CA SER B 67 23.46 1.84 12.52
C SER B 67 24.40 2.93 12.04
N GLY B 68 24.05 3.54 10.90
CA GLY B 68 24.90 4.56 10.33
C GLY B 68 25.77 4.03 9.21
N THR B 69 27.03 3.72 9.52
CA THR B 69 27.94 3.19 8.52
C THR B 69 28.66 1.92 8.95
N GLU B 70 28.45 1.45 10.18
CA GLU B 70 29.17 0.30 10.72
C GLU B 70 28.17 -0.73 11.21
N PHE B 71 28.25 -1.94 10.65
CA PHE B 71 27.31 -3.01 10.93
C PHE B 71 28.08 -4.31 11.17
N THR B 72 27.52 -5.17 12.00
CA THR B 72 28.10 -6.47 12.29
C THR B 72 27.05 -7.56 12.18
N LEU B 73 27.48 -8.70 11.66
CA LEU B 73 26.74 -9.95 11.75
C LEU B 73 27.46 -10.83 12.75
N THR B 74 26.74 -11.32 13.76
CA THR B 74 27.34 -12.16 14.78
C THR B 74 26.72 -13.54 14.77
N ILE B 75 27.56 -14.56 14.76
CA ILE B 75 27.19 -15.95 14.99
C ILE B 75 27.71 -16.32 16.37
N SER B 76 26.83 -16.50 17.34
CA SER B 76 27.26 -16.65 18.72
C SER B 76 27.81 -18.04 19.03
N SER B 77 27.39 -19.09 18.29
CA SER B 77 27.83 -20.48 18.53
C SER B 77 27.98 -21.21 17.17
N LEU B 78 29.12 -21.04 16.52
CA LEU B 78 29.28 -21.50 15.15
C LEU B 78 29.10 -23.01 15.03
N GLN B 79 28.25 -23.42 14.08
CA GLN B 79 27.94 -24.80 13.76
C GLN B 79 28.53 -25.19 12.41
N PRO B 80 28.89 -26.46 12.21
CA PRO B 80 29.50 -26.85 10.92
C PRO B 80 28.69 -26.45 9.70
N GLU B 81 27.37 -26.62 9.76
CA GLU B 81 26.51 -26.20 8.66
C GLU B 81 26.49 -24.68 8.46
N ASP B 82 27.18 -23.89 9.27
CA ASP B 82 27.22 -22.44 9.03
C ASP B 82 28.32 -22.05 8.05
N PHE B 83 29.11 -23.01 7.58
CA PHE B 83 30.09 -22.72 6.54
C PHE B 83 29.39 -22.10 5.34
N ALA B 84 29.91 -20.97 4.89
CA ALA B 84 29.16 -20.26 3.84
C ALA B 84 29.95 -19.01 3.46
N THR B 85 29.49 -18.34 2.41
CA THR B 85 29.86 -16.95 2.18
C THR B 85 28.72 -16.05 2.62
N TYR B 86 29.04 -15.02 3.38
CA TYR B 86 28.05 -14.11 3.94
C TYR B 86 28.19 -12.76 3.25
N TYR B 87 27.05 -12.18 2.85
CA TYR B 87 27.03 -10.90 2.15
C TYR B 87 26.17 -9.91 2.89
N CYS B 88 26.59 -8.66 2.94
CA CYS B 88 25.72 -7.58 3.37
C CYS B 88 25.18 -6.85 2.15
N LEU B 89 24.01 -6.25 2.30
CA LEU B 89 23.37 -5.47 1.25
C LEU B 89 22.67 -4.30 1.89
N GLN B 90 22.97 -3.09 1.45
CA GLN B 90 22.22 -1.94 1.94
C GLN B 90 20.91 -1.85 1.17
N HIS B 91 19.80 -1.74 1.89
CA HIS B 91 18.51 -1.48 1.26
C HIS B 91 17.98 -0.11 1.65
N ASN B 92 18.91 0.84 1.71
CA ASN B 92 18.56 2.22 2.05
C ASN B 92 18.04 2.98 0.83
N SER B 93 18.67 2.79 -0.32
CA SER B 93 18.26 3.52 -1.52
C SER B 93 18.77 2.80 -2.75
N TYR B 94 17.99 2.91 -3.82
CA TYR B 94 18.37 2.32 -5.09
C TYR B 94 19.54 3.08 -5.70
N PRO B 95 20.52 2.37 -6.31
CA PRO B 95 20.50 0.91 -6.44
C PRO B 95 20.96 0.21 -5.17
N TYR B 96 20.29 -0.89 -4.84
CA TYR B 96 20.76 -1.72 -3.75
C TYR B 96 22.16 -2.22 -4.07
N THR B 97 23.03 -2.28 -3.06
CA THR B 97 24.41 -2.68 -3.30
C THR B 97 24.84 -3.75 -2.30
N PHE B 98 25.51 -4.79 -2.80
CA PHE B 98 26.10 -5.85 -2.00
C PHE B 98 27.54 -5.47 -1.63
N GLY B 99 27.97 -5.90 -0.45
CA GLY B 99 29.39 -5.95 -0.16
C GLY B 99 30.03 -7.16 -0.83
N GLN B 100 31.36 -7.25 -0.71
CA GLN B 100 32.09 -8.24 -1.51
C GLN B 100 32.06 -9.64 -0.89
N GLY B 101 31.63 -9.78 0.35
CA GLY B 101 31.44 -11.10 0.91
C GLY B 101 32.53 -11.49 1.90
N THR B 102 32.16 -12.33 2.86
CA THR B 102 33.09 -12.92 3.81
C THR B 102 32.89 -14.43 3.79
N LYS B 103 33.92 -15.17 3.39
CA LYS B 103 33.86 -16.62 3.41
C LYS B 103 34.20 -17.12 4.81
N LEU B 104 33.33 -17.96 5.36
CA LEU B 104 33.47 -18.48 6.71
C LEU B 104 33.65 -20.00 6.65
N GLU B 105 34.81 -20.46 7.11
N GLU B 105 34.82 -20.45 7.10
CA GLU B 105 35.19 -21.86 7.14
CA GLU B 105 35.24 -21.85 7.15
C GLU B 105 35.30 -22.33 8.59
C GLU B 105 35.26 -22.33 8.60
N ILE B 106 35.14 -23.64 8.79
CA ILE B 106 35.13 -24.25 10.12
C ILE B 106 36.52 -24.82 10.39
N ASN B 107 37.17 -24.33 11.46
CA ASN B 107 38.37 -24.98 11.97
C ASN B 107 37.97 -26.18 12.84
N ARG B 108 38.58 -27.33 12.59
CA ARG B 108 38.28 -28.56 13.33
C ARG B 108 39.59 -29.32 13.53
N THR B 109 39.51 -30.45 14.21
CA THR B 109 40.71 -31.24 14.45
C THR B 109 41.25 -31.82 13.14
N VAL B 110 42.56 -32.11 13.15
CA VAL B 110 43.25 -32.66 11.98
C VAL B 110 42.72 -34.05 11.65
N ALA B 111 42.41 -34.28 10.38
CA ALA B 111 41.99 -35.59 9.87
C ALA B 111 42.76 -35.92 8.61
N ALA B 112 43.27 -37.15 8.53
CA ALA B 112 44.14 -37.49 7.40
C ALA B 112 43.31 -37.99 6.23
N PRO B 113 43.79 -37.79 5.00
CA PRO B 113 43.04 -38.27 3.84
C PRO B 113 43.14 -39.77 3.67
N SER B 114 42.08 -40.35 3.13
CA SER B 114 42.15 -41.67 2.52
C SER B 114 42.53 -41.51 1.05
N VAL B 115 43.54 -42.24 0.60
CA VAL B 115 44.11 -42.04 -0.74
C VAL B 115 43.78 -43.24 -1.63
N PHE B 116 43.02 -43.01 -2.69
CA PHE B 116 42.69 -44.02 -3.68
C PHE B 116 43.26 -43.61 -5.04
N ILE B 117 43.54 -44.61 -5.89
CA ILE B 117 44.01 -44.33 -7.24
C ILE B 117 43.16 -45.11 -8.23
N PHE B 118 42.98 -44.54 -9.42
CA PHE B 118 42.15 -45.09 -10.48
C PHE B 118 42.94 -45.04 -11.78
N PRO B 119 43.26 -46.18 -12.37
CA PRO B 119 43.98 -46.19 -13.64
C PRO B 119 43.03 -45.86 -14.79
N PRO B 120 43.55 -45.57 -15.98
CA PRO B 120 42.66 -45.17 -17.09
C PRO B 120 41.76 -46.32 -17.52
N SER B 121 40.67 -45.94 -18.17
CA SER B 121 39.69 -46.91 -18.66
C SER B 121 40.02 -47.31 -20.08
N ASP B 122 39.63 -48.53 -20.43
CA ASP B 122 39.84 -49.03 -21.79
C ASP B 122 39.18 -48.11 -22.82
N GLU B 123 38.04 -47.49 -22.45
CA GLU B 123 37.36 -46.56 -23.35
C GLU B 123 38.26 -45.38 -23.70
N GLN B 124 38.83 -44.74 -22.68
CA GLN B 124 39.68 -43.58 -22.92
C GLN B 124 40.97 -43.99 -23.61
N LEU B 125 41.57 -45.11 -23.19
CA LEU B 125 42.79 -45.59 -23.84
C LEU B 125 42.55 -45.85 -25.32
N LYS B 126 41.37 -46.39 -25.67
CA LYS B 126 41.03 -46.57 -27.07
C LYS B 126 40.87 -45.23 -27.78
N SER B 127 40.34 -44.22 -27.10
CA SER B 127 40.27 -42.89 -27.69
C SER B 127 41.65 -42.25 -27.92
N GLY B 128 42.73 -42.83 -27.39
CA GLY B 128 44.05 -42.29 -27.57
C GLY B 128 44.61 -41.47 -26.42
N THR B 129 43.99 -41.55 -25.24
CA THR B 129 44.37 -40.74 -24.09
C THR B 129 44.28 -41.59 -22.82
N ALA B 130 45.14 -41.28 -21.85
CA ALA B 130 45.16 -41.95 -20.55
C ALA B 130 45.00 -40.91 -19.45
N SER B 131 44.01 -41.09 -18.58
CA SER B 131 43.83 -40.21 -17.41
C SER B 131 43.84 -41.07 -16.15
N VAL B 132 44.75 -40.76 -15.24
CA VAL B 132 44.85 -41.39 -13.93
C VAL B 132 44.25 -40.44 -12.90
N VAL B 133 43.47 -40.97 -11.96
CA VAL B 133 42.82 -40.12 -10.97
C VAL B 133 43.27 -40.54 -9.58
N CYS B 134 43.70 -39.57 -8.78
CA CYS B 134 44.01 -39.76 -7.37
C CYS B 134 42.95 -39.06 -6.53
N LEU B 135 42.34 -39.80 -5.62
CA LEU B 135 41.29 -39.28 -4.75
C LEU B 135 41.78 -39.24 -3.31
N LEU B 136 41.64 -38.08 -2.67
CA LEU B 136 41.86 -37.92 -1.24
C LEU B 136 40.52 -37.65 -0.59
N ASN B 137 40.16 -38.47 0.39
CA ASN B 137 38.81 -38.41 0.95
C ASN B 137 38.87 -37.96 2.41
N ASN B 138 38.03 -36.98 2.71
CA ASN B 138 37.56 -36.59 4.05
C ASN B 138 38.70 -36.19 4.99
N PHE B 139 39.42 -35.13 4.59
CA PHE B 139 40.57 -34.65 5.34
C PHE B 139 40.36 -33.20 5.77
N TYR B 140 41.18 -32.78 6.74
CA TYR B 140 41.24 -31.42 7.24
C TYR B 140 42.62 -31.27 7.86
N PRO B 141 43.31 -30.14 7.70
CA PRO B 141 42.91 -28.93 6.97
C PRO B 141 42.97 -29.07 5.44
N ARG B 142 42.60 -28.00 4.74
CA ARG B 142 42.43 -28.06 3.30
C ARG B 142 43.74 -28.31 2.59
N GLU B 143 44.86 -27.85 3.17
CA GLU B 143 46.16 -27.86 2.50
C GLU B 143 46.65 -29.30 2.37
N ALA B 144 46.85 -29.72 1.13
CA ALA B 144 47.33 -31.06 0.81
C ALA B 144 48.15 -30.94 -0.45
N LYS B 145 49.27 -31.65 -0.50
CA LYS B 145 50.14 -31.62 -1.67
C LYS B 145 50.02 -32.97 -2.37
N VAL B 146 49.43 -32.97 -3.55
CA VAL B 146 49.33 -34.17 -4.37
C VAL B 146 50.34 -34.01 -5.50
N GLN B 147 51.28 -34.95 -5.59
CA GLN B 147 52.32 -34.93 -6.61
C GLN B 147 52.25 -36.23 -7.41
N TRP B 148 52.39 -36.11 -8.72
CA TRP B 148 52.38 -37.26 -9.60
C TRP B 148 53.81 -37.65 -9.93
N LYS B 149 54.11 -38.94 -9.85
CA LYS B 149 55.45 -39.45 -10.17
C LYS B 149 55.31 -40.66 -11.08
N VAL B 150 55.80 -40.51 -12.32
CA VAL B 150 55.82 -41.58 -13.30
C VAL B 150 57.26 -42.09 -13.38
N ASP B 151 57.46 -43.33 -12.95
CA ASP B 151 58.80 -43.90 -12.81
C ASP B 151 59.69 -42.98 -11.97
N ASN B 152 59.14 -42.52 -10.84
CA ASN B 152 59.78 -41.63 -9.88
C ASN B 152 60.11 -40.26 -10.47
N ALA B 153 59.60 -39.94 -11.65
CA ALA B 153 59.80 -38.62 -12.25
C ALA B 153 58.62 -37.71 -11.92
N LEU B 154 58.90 -36.64 -11.18
CA LEU B 154 57.87 -35.68 -10.79
C LEU B 154 57.30 -34.99 -12.01
N GLN B 155 55.99 -35.16 -12.22
CA GLN B 155 55.27 -34.49 -13.30
C GLN B 155 54.94 -33.05 -12.93
N SER B 156 54.77 -32.22 -13.96
CA SER B 156 54.13 -30.92 -13.79
C SER B 156 53.63 -30.43 -15.13
N GLY B 157 52.52 -29.70 -15.11
CA GLY B 157 51.90 -29.19 -16.31
C GLY B 157 50.88 -30.10 -16.94
N ASN B 158 50.85 -31.39 -16.56
CA ASN B 158 49.92 -32.35 -17.16
C ASN B 158 48.91 -32.91 -16.15
N SER B 159 48.66 -32.21 -15.04
CA SER B 159 47.71 -32.67 -14.03
C SER B 159 46.76 -31.54 -13.63
N GLN B 160 45.74 -31.91 -12.85
CA GLN B 160 44.66 -30.99 -12.47
C GLN B 160 44.03 -31.40 -11.15
N GLU B 161 43.67 -30.42 -10.33
CA GLU B 161 43.10 -30.65 -9.01
C GLU B 161 41.76 -29.97 -8.87
N SER B 162 40.83 -30.65 -8.22
CA SER B 162 39.57 -30.07 -7.78
C SER B 162 39.34 -30.44 -6.32
N VAL B 163 38.88 -29.48 -5.53
CA VAL B 163 38.65 -29.65 -4.09
C VAL B 163 37.19 -29.38 -3.80
N THR B 164 36.53 -30.30 -3.11
CA THR B 164 35.16 -30.06 -2.70
C THR B 164 35.10 -28.86 -1.74
N GLU B 165 33.94 -28.23 -1.69
CA GLU B 165 33.75 -27.25 -0.63
C GLU B 165 33.62 -27.98 0.70
N GLN B 166 33.89 -27.26 1.79
CA GLN B 166 33.85 -27.86 3.11
C GLN B 166 32.51 -28.56 3.34
N ASP B 167 32.57 -29.75 3.92
CA ASP B 167 31.36 -30.53 4.15
C ASP B 167 30.51 -29.90 5.26
N SER B 168 29.19 -29.97 5.10
CA SER B 168 28.29 -29.29 6.02
C SER B 168 28.23 -29.98 7.38
N LYS B 169 28.46 -31.29 7.45
CA LYS B 169 28.31 -32.03 8.70
C LYS B 169 29.64 -32.24 9.43
N ASP B 170 30.69 -32.73 8.76
CA ASP B 170 31.92 -33.05 9.46
C ASP B 170 33.08 -32.10 9.17
N SER B 171 32.87 -31.11 8.30
CA SER B 171 33.80 -30.02 8.03
C SER B 171 35.09 -30.46 7.33
N THR B 172 35.15 -31.67 6.75
CA THR B 172 36.33 -32.09 6.01
C THR B 172 36.25 -31.68 4.55
N TYR B 173 37.31 -32.02 3.81
CA TYR B 173 37.41 -31.77 2.39
C TYR B 173 37.76 -33.05 1.66
N SER B 174 37.42 -33.09 0.37
CA SER B 174 37.92 -34.12 -0.52
C SER B 174 38.59 -33.48 -1.74
N LEU B 175 39.52 -34.20 -2.33
CA LEU B 175 40.33 -33.69 -3.42
C LEU B 175 40.48 -34.75 -4.49
N SER B 176 40.39 -34.33 -5.76
CA SER B 176 40.64 -35.23 -6.86
C SER B 176 41.68 -34.61 -7.78
N SER B 177 42.66 -35.41 -8.19
CA SER B 177 43.74 -34.98 -9.08
C SER B 177 43.75 -35.90 -10.29
N THR B 178 43.75 -35.31 -11.49
CA THR B 178 43.79 -36.06 -12.73
C THR B 178 45.09 -35.78 -13.46
N LEU B 179 45.89 -36.82 -13.68
CA LEU B 179 47.05 -36.78 -14.56
C LEU B 179 46.62 -37.28 -15.94
N THR B 180 46.89 -36.51 -16.98
CA THR B 180 46.48 -36.85 -18.34
C THR B 180 47.70 -36.92 -19.24
N LEU B 181 47.91 -38.08 -19.85
CA LEU B 181 48.96 -38.31 -20.83
C LEU B 181 48.34 -38.82 -22.12
N SER B 182 49.04 -38.63 -23.23
CA SER B 182 48.67 -39.34 -24.44
C SER B 182 48.86 -40.83 -24.22
N LYS B 183 48.06 -41.65 -24.93
CA LYS B 183 48.24 -43.10 -24.90
C LYS B 183 49.69 -43.48 -25.18
N ALA B 184 50.28 -42.85 -26.19
CA ALA B 184 51.65 -43.15 -26.57
C ALA B 184 52.62 -42.87 -25.43
N ASP B 185 52.54 -41.67 -24.83
CA ASP B 185 53.40 -41.35 -23.70
C ASP B 185 53.09 -42.24 -22.51
N TYR B 186 51.81 -42.62 -22.35
CA TYR B 186 51.43 -43.48 -21.24
C TYR B 186 52.10 -44.84 -21.33
N GLU B 187 52.15 -45.42 -22.53
CA GLU B 187 52.69 -46.77 -22.67
C GLU B 187 54.22 -46.83 -22.62
N LYS B 188 54.90 -45.69 -22.48
CA LYS B 188 56.35 -45.68 -22.34
C LYS B 188 56.83 -45.85 -20.91
N HIS B 189 55.92 -45.95 -19.94
CA HIS B 189 56.34 -46.01 -18.54
C HIS B 189 55.54 -47.08 -17.81
N LYS B 190 56.04 -47.45 -16.64
CA LYS B 190 55.47 -48.56 -15.86
C LYS B 190 54.74 -48.07 -14.61
N VAL B 191 55.44 -47.45 -13.68
CA VAL B 191 54.89 -47.15 -12.36
C VAL B 191 54.26 -45.76 -12.38
N TYR B 192 52.97 -45.70 -12.05
CA TYR B 192 52.22 -44.46 -11.96
C TYR B 192 51.81 -44.25 -10.49
N ALA B 193 52.37 -43.20 -9.88
CA ALA B 193 52.26 -42.99 -8.45
C ALA B 193 51.69 -41.62 -8.13
N CYS B 194 50.95 -41.59 -7.04
CA CYS B 194 50.39 -40.38 -6.46
C CYS B 194 50.94 -40.28 -5.04
N GLU B 195 51.62 -39.18 -4.74
CA GLU B 195 52.27 -38.97 -3.45
C GLU B 195 51.62 -37.77 -2.78
N VAL B 196 50.99 -37.99 -1.64
CA VAL B 196 50.23 -36.95 -0.94
C VAL B 196 50.92 -36.64 0.38
N THR B 197 51.12 -35.35 0.63
CA THR B 197 51.63 -34.84 1.89
C THR B 197 50.51 -34.05 2.57
N HIS B 198 50.26 -34.37 3.84
CA HIS B 198 49.20 -33.73 4.61
C HIS B 198 49.53 -33.73 6.08
N GLN B 199 49.12 -32.66 6.77
CA GLN B 199 49.47 -32.46 8.18
C GLN B 199 49.10 -33.65 9.05
N GLY B 200 48.07 -34.41 8.66
CA GLY B 200 47.66 -35.60 9.36
C GLY B 200 48.38 -36.86 8.95
N LEU B 201 49.42 -36.77 8.11
CA LEU B 201 50.21 -37.93 7.70
C LEU B 201 51.62 -37.79 8.24
N SER B 202 52.08 -38.84 8.94
CA SER B 202 53.43 -38.84 9.53
C SER B 202 54.49 -38.53 8.47
N SER B 203 54.37 -39.15 7.31
CA SER B 203 55.26 -38.92 6.17
C SER B 203 54.44 -39.13 4.91
N PRO B 204 54.91 -38.65 3.75
CA PRO B 204 54.10 -38.73 2.53
C PRO B 204 53.62 -40.14 2.23
N VAL B 205 52.38 -40.24 1.80
CA VAL B 205 51.75 -41.52 1.45
C VAL B 205 51.75 -41.64 -0.06
N THR B 206 52.06 -42.82 -0.57
CA THR B 206 52.14 -43.06 -2.01
C THR B 206 51.22 -44.20 -2.38
N LYS B 207 50.36 -43.96 -3.37
CA LYS B 207 49.48 -44.97 -3.94
C LYS B 207 49.83 -45.09 -5.42
N SER B 208 50.16 -46.29 -5.87
CA SER B 208 50.65 -46.44 -7.22
C SER B 208 50.12 -47.74 -7.83
N PHE B 209 50.21 -47.80 -9.16
CA PHE B 209 49.92 -49.03 -9.89
C PHE B 209 50.91 -49.16 -11.04
N ASN B 210 51.06 -50.39 -11.53
CA ASN B 210 51.86 -50.71 -12.71
C ASN B 210 50.96 -50.85 -13.92
N ARG B 211 51.36 -50.24 -15.04
CA ARG B 211 50.47 -50.12 -16.21
C ARG B 211 49.88 -51.47 -16.62
N GLY B 212 50.67 -52.53 -16.59
CA GLY B 212 50.10 -53.86 -16.70
C GLY B 212 49.44 -54.28 -15.40
N GLU B 213 48.20 -53.86 -15.21
CA GLU B 213 47.49 -54.04 -13.93
C GLU B 213 47.42 -55.50 -13.50
N GLU C 1 -5.93 3.28 7.79
CA GLU C 1 -6.68 4.42 7.27
C GLU C 1 -7.53 5.08 8.35
N VAL C 2 -7.52 6.41 8.39
CA VAL C 2 -8.37 7.13 9.34
C VAL C 2 -9.83 6.79 9.06
N GLN C 3 -10.55 6.34 10.11
CA GLN C 3 -11.94 5.94 10.00
C GLN C 3 -12.77 6.54 11.14
N LEU C 4 -13.96 7.02 10.79
CA LEU C 4 -14.94 7.50 11.76
C LEU C 4 -16.26 6.82 11.47
N LEU C 5 -16.79 6.08 12.43
CA LEU C 5 -18.00 5.29 12.20
C LEU C 5 -19.05 5.65 13.25
N GLU C 6 -20.17 6.20 12.80
CA GLU C 6 -21.24 6.62 13.70
C GLU C 6 -22.17 5.45 14.00
N SER C 7 -22.79 5.50 15.18
CA SER C 7 -23.82 4.54 15.56
C SER C 7 -24.77 5.20 16.54
N GLY C 8 -25.87 4.51 16.83
CA GLY C 8 -26.86 4.99 17.78
C GLY C 8 -28.03 5.72 17.16
N GLY C 9 -28.07 5.88 15.84
CA GLY C 9 -29.18 6.56 15.21
C GLY C 9 -30.42 5.70 15.17
N GLY C 10 -31.51 6.28 14.68
CA GLY C 10 -32.74 5.54 14.55
C GLY C 10 -33.93 6.43 14.85
N LEU C 11 -35.02 5.78 15.29
CA LEU C 11 -36.30 6.44 15.51
C LEU C 11 -36.47 6.82 16.97
N VAL C 12 -37.00 8.01 17.21
CA VAL C 12 -37.24 8.49 18.57
C VAL C 12 -38.46 9.41 18.55
N GLN C 13 -39.25 9.34 19.61
CA GLN C 13 -40.45 10.15 19.69
C GLN C 13 -40.09 11.59 20.04
N PRO C 14 -40.88 12.56 19.57
CA PRO C 14 -40.68 13.95 19.98
C PRO C 14 -40.62 14.06 21.50
N GLY C 15 -39.77 14.95 21.98
CA GLY C 15 -39.46 15.04 23.39
C GLY C 15 -38.52 13.99 23.91
N GLY C 16 -38.21 12.96 23.12
CA GLY C 16 -37.36 11.88 23.56
C GLY C 16 -35.88 12.19 23.44
N SER C 17 -35.07 11.15 23.66
CA SER C 17 -33.63 11.28 23.82
C SER C 17 -32.91 10.18 23.06
N LEU C 18 -31.72 10.52 22.58
CA LEU C 18 -30.90 9.59 21.83
C LEU C 18 -29.45 10.00 21.99
N ARG C 19 -28.56 9.02 22.15
CA ARG C 19 -27.13 9.28 22.23
C ARG C 19 -26.44 8.68 21.03
N LEU C 20 -25.79 9.53 20.24
CA LEU C 20 -24.98 9.08 19.11
C LEU C 20 -23.55 8.83 19.55
N SER C 21 -22.94 7.82 18.94
CA SER C 21 -21.53 7.47 19.12
C SER C 21 -20.80 7.59 17.80
N CYS C 22 -19.51 7.90 17.88
CA CYS C 22 -18.61 7.89 16.75
C CYS C 22 -17.35 7.17 17.20
N ALA C 23 -17.04 6.05 16.56
CA ALA C 23 -15.84 5.29 16.84
C ALA C 23 -14.75 5.74 15.87
N ALA C 24 -13.62 6.15 16.40
CA ALA C 24 -12.51 6.60 15.58
C ALA C 24 -11.42 5.54 15.58
N SER C 25 -10.70 5.45 14.47
CA SER C 25 -9.58 4.53 14.40
C SER C 25 -8.60 5.02 13.35
N GLY C 26 -7.37 4.52 13.44
CA GLY C 26 -6.34 4.86 12.48
C GLY C 26 -5.56 6.12 12.79
N PHE C 27 -5.66 6.62 14.02
CA PHE C 27 -4.94 7.83 14.42
C PHE C 27 -5.07 7.97 15.93
N ARG C 28 -4.21 8.79 16.51
CA ARG C 28 -4.23 8.99 17.96
C ARG C 28 -5.37 9.96 18.28
N PHE C 29 -6.46 9.40 18.84
CA PHE C 29 -7.70 10.16 19.03
C PHE C 29 -7.50 11.38 19.94
N ASP C 30 -6.73 11.22 21.02
CA ASP C 30 -6.59 12.29 22.01
C ASP C 30 -5.74 13.45 21.53
N TYR C 31 -5.34 13.48 20.26
CA TYR C 31 -4.65 14.63 19.68
C TYR C 31 -5.57 15.51 18.85
N GLU C 32 -6.76 15.02 18.51
CA GLU C 32 -7.62 15.64 17.51
C GLU C 32 -8.85 16.28 18.15
N ASP C 33 -9.31 17.37 17.53
CA ASP C 33 -10.57 18.01 17.88
C ASP C 33 -11.67 17.49 16.95
N MET C 34 -12.87 17.34 17.48
CA MET C 34 -13.94 16.67 16.77
C MET C 34 -15.18 17.55 16.70
N GLY C 35 -16.10 17.17 15.80
CA GLY C 35 -17.37 17.87 15.69
C GLY C 35 -18.46 17.00 15.12
N TRP C 36 -19.68 17.53 15.21
CA TRP C 36 -20.88 16.93 14.64
C TRP C 36 -21.51 17.93 13.69
N VAL C 37 -21.86 17.45 12.50
CA VAL C 37 -22.53 18.21 11.45
C VAL C 37 -23.73 17.38 11.03
N ARG C 38 -24.86 18.03 10.72
CA ARG C 38 -26.04 17.25 10.36
C ARG C 38 -26.63 17.77 9.05
N GLN C 39 -27.49 16.95 8.45
CA GLN C 39 -28.09 17.30 7.16
C GLN C 39 -29.51 16.75 7.11
N ALA C 40 -30.50 17.63 7.07
CA ALA C 40 -31.88 17.17 6.98
C ALA C 40 -32.16 16.69 5.56
N PRO C 41 -33.06 15.72 5.40
CA PRO C 41 -33.29 15.15 4.06
C PRO C 41 -33.59 16.22 3.01
N GLY C 42 -32.75 16.28 1.97
CA GLY C 42 -32.92 17.23 0.89
C GLY C 42 -32.47 18.64 1.19
N LYS C 43 -31.88 18.90 2.36
CA LYS C 43 -31.44 20.23 2.74
C LYS C 43 -29.92 20.28 2.90
N GLY C 44 -29.41 21.45 3.25
CA GLY C 44 -27.98 21.66 3.33
C GLY C 44 -27.36 21.13 4.61
N LEU C 45 -26.05 21.35 4.72
CA LEU C 45 -25.31 20.99 5.92
C LEU C 45 -25.54 22.02 7.03
N GLU C 46 -25.52 21.54 8.27
CA GLU C 46 -25.69 22.39 9.44
C GLU C 46 -24.73 21.93 10.53
N TRP C 47 -23.80 22.79 10.91
CA TRP C 47 -22.92 22.49 12.02
C TRP C 47 -23.72 22.38 13.31
N VAL C 48 -23.42 21.34 14.10
CA VAL C 48 -24.12 21.06 15.34
C VAL C 48 -23.26 21.40 16.55
N SER C 49 -22.05 20.83 16.63
CA SER C 49 -21.33 20.94 17.88
C SER C 49 -19.86 20.61 17.68
N SER C 50 -19.01 21.10 18.56
CA SER C 50 -17.58 20.77 18.47
C SER C 50 -16.97 20.66 19.86
N ILE C 51 -15.93 19.84 19.96
CA ILE C 51 -15.19 19.60 21.19
C ILE C 51 -13.71 19.52 20.87
N ASP C 52 -12.86 20.02 21.77
CA ASP C 52 -11.43 19.91 21.57
C ASP C 52 -10.91 18.61 22.19
N SER C 53 -9.59 18.42 22.11
CA SER C 53 -9.01 17.08 22.27
C SER C 53 -9.27 16.49 23.64
N HIS C 54 -9.28 17.32 24.69
CA HIS C 54 -9.47 16.79 26.03
C HIS C 54 -10.81 17.21 26.62
N GLY C 55 -11.74 17.68 25.80
CA GLY C 55 -13.05 18.02 26.28
C GLY C 55 -13.16 19.30 27.08
N ALA C 56 -12.08 20.09 27.18
CA ALA C 56 -12.11 21.29 28.00
C ALA C 56 -13.05 22.35 27.43
N SER C 57 -13.10 22.47 26.10
CA SER C 57 -13.97 23.46 25.48
C SER C 57 -14.95 22.79 24.53
N THR C 58 -16.21 23.22 24.61
CA THR C 58 -17.28 22.73 23.77
C THR C 58 -18.01 23.92 23.14
N TYR C 59 -18.62 23.68 21.99
CA TYR C 59 -19.28 24.71 21.19
C TYR C 59 -20.54 24.12 20.61
N TYR C 60 -21.56 24.96 20.44
CA TYR C 60 -22.87 24.52 20.02
C TYR C 60 -23.49 25.55 19.11
N ALA C 61 -24.24 25.07 18.13
CA ALA C 61 -25.10 25.94 17.34
C ALA C 61 -26.31 26.35 18.18
N ASP C 62 -26.81 27.55 17.93
CA ASP C 62 -27.96 28.07 18.69
C ASP C 62 -29.13 27.11 18.66
N SER C 63 -29.35 26.44 17.52
CA SER C 63 -30.49 25.55 17.35
C SER C 63 -30.44 24.32 18.26
N VAL C 64 -29.34 24.06 18.97
CA VAL C 64 -29.30 22.86 19.81
C VAL C 64 -28.80 23.19 21.21
N LYS C 65 -28.38 24.42 21.47
CA LYS C 65 -27.89 24.72 22.80
C LYS C 65 -28.96 24.43 23.85
N GLY C 66 -28.53 23.94 25.01
CA GLY C 66 -29.46 23.53 26.04
C GLY C 66 -30.02 22.13 25.88
N ARG C 67 -30.08 21.59 24.67
CA ARG C 67 -30.64 20.26 24.44
C ARG C 67 -29.61 19.20 24.10
N PHE C 68 -28.55 19.57 23.38
CA PHE C 68 -27.50 18.65 22.95
C PHE C 68 -26.25 18.88 23.78
N THR C 69 -25.53 17.80 24.07
CA THR C 69 -24.28 17.84 24.81
C THR C 69 -23.25 17.00 24.08
N ILE C 70 -22.12 17.60 23.71
CA ILE C 70 -21.04 16.85 23.07
C ILE C 70 -20.05 16.42 24.14
N SER C 71 -19.52 15.20 24.01
CA SER C 71 -18.53 14.73 24.96
C SER C 71 -17.68 13.67 24.27
N ARG C 72 -16.64 13.20 24.96
CA ARG C 72 -15.76 12.21 24.34
C ARG C 72 -15.12 11.35 25.42
N ASP C 73 -14.76 10.14 25.04
CA ASP C 73 -14.02 9.20 25.88
C ASP C 73 -12.80 8.78 25.08
N ASN C 74 -11.64 9.36 25.44
CA ASN C 74 -10.41 9.14 24.68
C ASN C 74 -9.87 7.73 24.89
N SER C 75 -10.08 7.14 26.07
CA SER C 75 -9.63 5.76 26.30
C SER C 75 -10.36 4.79 25.39
N LYS C 76 -11.59 5.11 24.98
CA LYS C 76 -12.37 4.27 24.08
C LYS C 76 -12.41 4.81 22.66
N ASN C 77 -11.63 5.86 22.37
CA ASN C 77 -11.58 6.46 21.04
C ASN C 77 -12.97 6.81 20.49
N THR C 78 -13.84 7.32 21.37
CA THR C 78 -15.24 7.51 21.01
C THR C 78 -15.71 8.94 21.26
N LEU C 79 -16.46 9.48 20.30
CA LEU C 79 -17.12 10.78 20.40
C LEU C 79 -18.61 10.57 20.64
N TYR C 80 -19.22 11.39 21.50
CA TYR C 80 -20.63 11.25 21.86
C TYR C 80 -21.40 12.54 21.59
N LEU C 81 -22.65 12.38 21.18
CA LEU C 81 -23.61 13.48 21.12
C LEU C 81 -24.88 13.05 21.85
N GLN C 82 -25.11 13.60 23.04
CA GLN C 82 -26.34 13.34 23.81
C GLN C 82 -27.40 14.35 23.37
N MET C 83 -28.45 13.84 22.74
CA MET C 83 -29.54 14.67 22.25
C MET C 83 -30.77 14.48 23.13
N ASN C 84 -31.22 15.55 23.79
CA ASN C 84 -32.44 15.54 24.59
C ASN C 84 -33.48 16.45 23.95
N SER C 85 -34.73 16.30 24.41
CA SER C 85 -35.83 17.15 23.96
C SER C 85 -35.89 17.21 22.43
N LEU C 86 -35.82 16.03 21.80
CA LEU C 86 -35.77 15.95 20.35
C LEU C 86 -37.07 16.41 19.71
N ARG C 87 -36.94 17.13 18.59
CA ARG C 87 -38.05 17.65 17.81
C ARG C 87 -37.98 17.14 16.37
N ALA C 88 -39.09 17.29 15.66
CA ALA C 88 -39.17 16.81 14.28
C ALA C 88 -38.05 17.38 13.41
N GLU C 89 -37.79 18.67 13.56
CA GLU C 89 -36.75 19.39 12.80
C GLU C 89 -35.34 18.96 13.18
N ASP C 90 -35.18 18.03 14.12
CA ASP C 90 -33.91 17.40 14.38
C ASP C 90 -33.69 16.15 13.53
N THR C 91 -34.69 15.74 12.75
CA THR C 91 -34.53 14.63 11.83
C THR C 91 -33.47 14.98 10.81
N ALA C 92 -32.44 14.12 10.69
CA ALA C 92 -31.31 14.42 9.82
C ALA C 92 -30.35 13.26 9.84
N VAL C 93 -29.46 13.23 8.85
CA VAL C 93 -28.25 12.42 8.94
C VAL C 93 -27.24 13.17 9.78
N TYR C 94 -26.65 12.49 10.76
CA TYR C 94 -25.65 13.06 11.65
C TYR C 94 -24.28 12.51 11.27
N TYR C 95 -23.40 13.41 10.85
CA TYR C 95 -22.02 13.15 10.47
C TYR C 95 -21.11 13.50 11.64
N CYS C 96 -20.25 12.56 11.98
CA CYS C 96 -19.09 12.80 12.81
C CYS C 96 -17.97 13.35 11.94
N ALA C 97 -17.18 14.29 12.47
CA ALA C 97 -16.09 14.84 11.66
C ALA C 97 -14.92 15.21 12.55
N LYS C 98 -13.76 15.37 11.90
CA LYS C 98 -12.50 15.66 12.56
C LYS C 98 -11.91 16.94 11.98
N TYR C 99 -11.42 17.80 12.87
CA TYR C 99 -10.68 18.99 12.44
C TYR C 99 -9.28 18.60 11.99
N SER C 100 -8.84 19.15 10.86
CA SER C 100 -7.49 18.88 10.39
C SER C 100 -6.45 19.42 11.37
N HIS C 101 -6.74 20.55 12.02
CA HIS C 101 -5.83 21.15 12.98
C HIS C 101 -6.45 21.25 14.37
N SER C 102 -7.30 22.24 14.61
CA SER C 102 -7.95 22.41 15.91
C SER C 102 -9.26 23.18 15.76
N VAL C 103 -9.99 23.29 16.88
CA VAL C 103 -11.27 24.01 16.85
C VAL C 103 -11.09 25.48 16.46
N SER C 104 -9.89 26.05 16.62
CA SER C 104 -9.69 27.46 16.29
C SER C 104 -8.89 27.68 15.02
N TYR C 105 -8.61 26.63 14.24
CA TYR C 105 -8.07 26.86 12.90
C TYR C 105 -8.36 25.65 12.03
N GLY C 106 -8.87 25.90 10.83
CA GLY C 106 -8.91 24.89 9.80
C GLY C 106 -10.27 24.26 9.56
N PRO C 107 -10.30 23.31 8.60
CA PRO C 107 -11.56 22.69 8.20
C PRO C 107 -11.77 21.32 8.83
N PHE C 108 -12.88 20.68 8.47
CA PHE C 108 -13.12 19.27 8.77
C PHE C 108 -12.56 18.45 7.62
N ASP C 109 -11.44 17.77 7.82
CA ASP C 109 -10.86 17.03 6.70
C ASP C 109 -11.32 15.58 6.61
N TYR C 110 -11.76 14.98 7.72
CA TYR C 110 -12.27 13.61 7.73
C TYR C 110 -13.70 13.59 8.25
N TRP C 111 -14.57 12.88 7.53
CA TRP C 111 -15.98 12.76 7.85
C TRP C 111 -16.38 11.30 7.89
N GLY C 112 -17.33 10.98 8.78
CA GLY C 112 -17.94 9.67 8.78
C GLY C 112 -18.98 9.52 7.68
N GLN C 113 -19.63 8.37 7.67
CA GLN C 113 -20.71 8.14 6.71
C GLN C 113 -22.03 8.70 7.20
N GLY C 114 -22.20 8.92 8.50
CA GLY C 114 -23.42 9.46 9.08
C GLY C 114 -24.43 8.39 9.43
N THR C 115 -25.21 8.64 10.49
CA THR C 115 -26.37 7.83 10.82
C THR C 115 -27.63 8.68 10.75
N LEU C 116 -28.71 8.06 10.30
CA LEU C 116 -30.00 8.74 10.22
C LEU C 116 -30.69 8.76 11.58
N VAL C 117 -31.13 9.94 12.00
CA VAL C 117 -31.95 10.14 13.20
C VAL C 117 -33.30 10.68 12.75
N THR C 118 -34.37 9.97 13.09
CA THR C 118 -35.74 10.34 12.74
C THR C 118 -36.54 10.62 14.01
N VAL C 119 -37.08 11.83 14.12
CA VAL C 119 -37.89 12.22 15.27
C VAL C 119 -39.33 12.29 14.81
N SER C 120 -40.18 11.41 15.33
CA SER C 120 -41.54 11.30 14.81
C SER C 120 -42.40 10.52 15.80
N SER C 121 -43.68 10.88 15.84
CA SER C 121 -44.66 10.08 16.59
C SER C 121 -44.97 8.76 15.91
N ALA C 122 -44.72 8.66 14.60
CA ALA C 122 -45.06 7.46 13.85
C ALA C 122 -44.35 6.24 14.42
N SER C 123 -44.92 5.08 14.12
CA SER C 123 -44.36 3.80 14.57
C SER C 123 -43.84 3.03 13.38
N THR C 124 -42.77 2.27 13.60
CA THR C 124 -42.17 1.46 12.56
C THR C 124 -43.22 0.59 11.88
N LYS C 125 -43.17 0.57 10.55
CA LYS C 125 -44.19 -0.13 9.77
C LYS C 125 -43.61 -0.47 8.40
N GLY C 126 -43.79 -1.72 7.97
CA GLY C 126 -43.39 -2.14 6.66
C GLY C 126 -44.27 -1.55 5.58
N PRO C 127 -43.74 -1.47 4.36
CA PRO C 127 -44.52 -0.91 3.26
C PRO C 127 -45.56 -1.89 2.74
N SER C 128 -46.61 -1.32 2.15
CA SER C 128 -47.48 -2.04 1.24
C SER C 128 -46.99 -1.80 -0.19
N VAL C 129 -46.68 -2.87 -0.90
CA VAL C 129 -46.17 -2.78 -2.26
C VAL C 129 -47.33 -3.09 -3.21
N PHE C 130 -47.73 -2.10 -4.00
CA PHE C 130 -48.76 -2.24 -5.01
C PHE C 130 -48.16 -2.16 -6.40
N PRO C 131 -48.82 -2.75 -7.40
CA PRO C 131 -48.26 -2.70 -8.76
C PRO C 131 -48.75 -1.52 -9.58
N LEU C 132 -47.84 -0.91 -10.32
CA LEU C 132 -48.14 0.06 -11.35
C LEU C 132 -48.10 -0.70 -12.68
N ALA C 133 -49.27 -1.21 -13.08
CA ALA C 133 -49.35 -2.14 -14.19
C ALA C 133 -49.15 -1.41 -15.53
N PRO C 134 -48.49 -2.05 -16.48
CA PRO C 134 -48.29 -1.42 -17.79
C PRO C 134 -49.61 -1.24 -18.54
N SER C 135 -49.68 -0.15 -19.29
CA SER C 135 -50.89 0.23 -20.01
C SER C 135 -51.24 -0.79 -21.09
N SER C 136 -52.52 -1.18 -21.12
CA SER C 136 -53.02 -2.03 -22.21
C SER C 136 -52.96 -1.31 -23.55
N LYS C 137 -53.06 0.02 -23.54
CA LYS C 137 -52.98 0.84 -24.74
C LYS C 137 -51.53 1.25 -25.07
N SER C 138 -50.54 0.39 -24.78
CA SER C 138 -49.15 0.74 -25.04
C SER C 138 -48.84 0.63 -26.53
N THR C 139 -47.84 1.42 -26.96
CA THR C 139 -47.46 1.52 -28.37
C THR C 139 -47.24 0.14 -28.99
N SER C 140 -47.73 -0.02 -30.23
CA SER C 140 -47.63 -1.24 -31.02
C SER C 140 -46.43 -2.11 -30.67
N GLY C 141 -45.24 -1.66 -31.07
CA GLY C 141 -44.02 -2.30 -30.65
C GLY C 141 -42.99 -1.31 -30.15
N GLY C 142 -43.41 -0.41 -29.26
CA GLY C 142 -42.54 0.62 -28.73
C GLY C 142 -42.09 0.38 -27.30
N THR C 143 -42.26 1.38 -26.44
CA THR C 143 -41.82 1.29 -25.05
C THR C 143 -43.01 1.43 -24.12
N ALA C 144 -42.99 0.62 -23.06
CA ALA C 144 -44.01 0.64 -22.03
C ALA C 144 -43.37 0.94 -20.69
N ALA C 145 -44.17 1.44 -19.76
CA ALA C 145 -43.70 1.76 -18.42
C ALA C 145 -44.48 0.95 -17.39
N LEU C 146 -43.76 0.40 -16.41
CA LEU C 146 -44.41 -0.26 -15.31
C LEU C 146 -43.65 0.06 -14.03
N GLY C 147 -44.22 -0.30 -12.88
CA GLY C 147 -43.55 0.01 -11.65
C GLY C 147 -44.22 -0.58 -10.44
N CYS C 148 -43.84 -0.06 -9.28
CA CYS C 148 -44.27 -0.50 -7.96
C CYS C 148 -44.47 0.75 -7.11
N LEU C 149 -45.60 0.83 -6.42
CA LEU C 149 -45.82 1.87 -5.44
C LEU C 149 -45.54 1.30 -4.06
N VAL C 150 -44.54 1.88 -3.38
CA VAL C 150 -44.10 1.43 -2.06
C VAL C 150 -44.69 2.44 -1.06
N LYS C 151 -45.85 2.08 -0.50
CA LYS C 151 -46.69 3.01 0.25
C LYS C 151 -46.70 2.71 1.75
N ASP C 152 -46.68 3.79 2.53
CA ASP C 152 -46.95 3.77 3.96
C ASP C 152 -45.95 2.90 4.73
N TYR C 153 -44.68 3.28 4.63
CA TYR C 153 -43.65 2.69 5.46
C TYR C 153 -43.04 3.75 6.36
N PHE C 154 -42.35 3.29 7.40
CA PHE C 154 -41.69 4.19 8.33
C PHE C 154 -40.72 3.39 9.21
N PRO C 155 -39.53 3.93 9.49
CA PRO C 155 -39.01 5.17 8.93
C PRO C 155 -38.24 4.89 7.65
N GLU C 156 -37.53 5.89 7.12
CA GLU C 156 -36.57 5.61 6.07
C GLU C 156 -35.42 4.76 6.62
N PRO C 157 -34.74 3.98 5.77
CA PRO C 157 -34.85 3.88 4.31
C PRO C 157 -35.48 2.59 3.81
N VAL C 158 -35.79 2.59 2.52
CA VAL C 158 -36.22 1.39 1.81
C VAL C 158 -35.36 1.25 0.57
N THR C 159 -35.12 0.02 0.14
CA THR C 159 -34.40 -0.26 -1.09
C THR C 159 -35.29 -1.00 -2.06
N VAL C 160 -35.17 -0.68 -3.35
CA VAL C 160 -35.94 -1.30 -4.42
C VAL C 160 -34.98 -1.74 -5.50
N SER C 161 -35.13 -2.98 -5.98
CA SER C 161 -34.45 -3.44 -7.17
C SER C 161 -35.47 -4.16 -8.06
N TRP C 162 -35.07 -4.49 -9.28
CA TRP C 162 -35.97 -5.15 -10.22
C TRP C 162 -35.34 -6.45 -10.70
N ASN C 163 -36.10 -7.54 -10.57
CA ASN C 163 -35.63 -8.89 -10.93
C ASN C 163 -34.33 -9.23 -10.22
N SER C 164 -34.32 -9.00 -8.90
CA SER C 164 -33.20 -9.34 -8.02
C SER C 164 -31.89 -8.70 -8.47
N GLY C 165 -31.94 -7.65 -9.29
CA GLY C 165 -30.75 -7.00 -9.80
C GLY C 165 -30.51 -7.22 -11.28
N ALA C 166 -31.25 -8.12 -11.92
CA ALA C 166 -31.02 -8.39 -13.33
C ALA C 166 -31.42 -7.20 -14.19
N LEU C 167 -32.53 -6.54 -13.87
CA LEU C 167 -33.03 -5.41 -14.63
C LEU C 167 -32.56 -4.12 -13.99
N THR C 168 -31.74 -3.38 -14.71
CA THR C 168 -31.13 -2.14 -14.24
C THR C 168 -31.42 -0.96 -15.15
N SER C 169 -31.28 -1.14 -16.46
CA SER C 169 -31.45 -0.03 -17.39
C SER C 169 -32.89 0.46 -17.40
N GLY C 170 -33.05 1.78 -17.35
CA GLY C 170 -34.38 2.38 -17.41
C GLY C 170 -35.13 2.35 -16.11
N VAL C 171 -34.44 2.16 -14.98
CA VAL C 171 -35.07 2.11 -13.67
C VAL C 171 -34.98 3.49 -13.01
N HIS C 172 -36.09 3.95 -12.44
CA HIS C 172 -36.14 5.18 -11.66
C HIS C 172 -36.83 4.88 -10.34
N THR C 173 -36.07 4.93 -9.25
CA THR C 173 -36.64 4.84 -7.91
C THR C 173 -36.64 6.24 -7.31
N PHE C 174 -37.82 6.83 -7.20
CA PHE C 174 -37.95 8.24 -6.84
C PHE C 174 -37.63 8.46 -5.36
N PRO C 175 -37.18 9.66 -5.00
CA PRO C 175 -37.03 9.99 -3.58
C PRO C 175 -38.37 9.85 -2.87
N ALA C 176 -38.33 9.29 -1.67
CA ALA C 176 -39.55 9.12 -0.88
C ALA C 176 -40.15 10.47 -0.53
N VAL C 177 -41.48 10.49 -0.42
CA VAL C 177 -42.23 11.66 0.02
C VAL C 177 -42.83 11.35 1.38
N LEU C 178 -42.69 12.27 2.33
CA LEU C 178 -43.26 12.09 3.65
C LEU C 178 -44.70 12.58 3.62
N GLN C 179 -45.64 11.67 3.83
CA GLN C 179 -47.05 11.99 3.74
C GLN C 179 -47.56 12.62 5.04
N SER C 180 -48.74 13.23 4.97
CA SER C 180 -49.30 13.86 6.15
C SER C 180 -49.56 12.86 7.27
N SER C 181 -49.76 11.59 6.93
CA SER C 181 -49.90 10.56 7.95
C SER C 181 -48.60 10.31 8.72
N GLY C 182 -47.49 10.93 8.32
CA GLY C 182 -46.20 10.64 8.91
C GLY C 182 -45.53 9.39 8.38
N LEU C 183 -46.13 8.72 7.40
CA LEU C 183 -45.53 7.58 6.74
C LEU C 183 -44.93 8.01 5.40
N TYR C 184 -43.98 7.22 4.91
CA TYR C 184 -43.30 7.53 3.66
C TYR C 184 -43.91 6.73 2.51
N SER C 185 -43.77 7.28 1.30
N SER C 185 -43.77 7.28 1.30
CA SER C 185 -44.22 6.60 0.10
CA SER C 185 -44.22 6.60 0.09
C SER C 185 -43.27 6.95 -1.03
C SER C 185 -43.29 6.96 -1.05
N LEU C 186 -42.99 5.97 -1.89
CA LEU C 186 -42.19 6.23 -3.08
C LEU C 186 -42.67 5.31 -4.19
N SER C 187 -42.18 5.57 -5.39
CA SER C 187 -42.48 4.75 -6.55
C SER C 187 -41.19 4.34 -7.21
N SER C 188 -41.17 3.13 -7.76
CA SER C 188 -40.07 2.68 -8.62
C SER C 188 -40.68 2.29 -9.94
N VAL C 189 -40.16 2.85 -11.03
CA VAL C 189 -40.68 2.58 -12.36
C VAL C 189 -39.54 2.11 -13.24
N VAL C 190 -39.90 1.54 -14.37
CA VAL C 190 -38.95 1.07 -15.35
C VAL C 190 -39.65 1.06 -16.69
N THR C 191 -38.90 1.42 -17.74
CA THR C 191 -39.39 1.34 -19.10
C THR C 191 -38.78 0.10 -19.76
N VAL C 192 -39.62 -0.63 -20.49
CA VAL C 192 -39.24 -1.89 -21.12
C VAL C 192 -39.83 -1.93 -22.51
N PRO C 193 -39.28 -2.75 -23.41
CA PRO C 193 -39.89 -2.90 -24.73
C PRO C 193 -41.32 -3.38 -24.62
N SER C 194 -42.22 -2.67 -25.30
CA SER C 194 -43.64 -3.04 -25.29
C SER C 194 -43.85 -4.47 -25.73
N SER C 195 -43.03 -4.95 -26.68
CA SER C 195 -43.17 -6.31 -27.19
C SER C 195 -42.74 -7.36 -26.17
N SER C 196 -42.01 -6.97 -25.12
CA SER C 196 -41.51 -7.91 -24.12
C SER C 196 -42.50 -8.17 -22.99
N LEU C 197 -43.71 -7.63 -23.05
CA LEU C 197 -44.63 -7.76 -21.92
C LEU C 197 -45.18 -9.18 -21.80
N GLY C 198 -45.56 -9.79 -22.92
CA GLY C 198 -46.05 -11.15 -22.88
C GLY C 198 -44.97 -12.15 -22.51
N THR C 199 -43.73 -11.90 -22.89
CA THR C 199 -42.66 -12.87 -22.71
C THR C 199 -42.04 -12.79 -21.31
N GLN C 200 -41.41 -11.66 -20.98
CA GLN C 200 -40.58 -11.54 -19.79
C GLN C 200 -41.39 -11.09 -18.57
N THR C 201 -41.12 -11.72 -17.44
CA THR C 201 -41.72 -11.39 -16.16
C THR C 201 -40.95 -10.26 -15.48
N TYR C 202 -41.67 -9.46 -14.68
CA TYR C 202 -41.06 -8.34 -13.96
C TYR C 202 -41.48 -8.38 -12.49
N ILE C 203 -40.49 -8.43 -11.61
CA ILE C 203 -40.72 -8.48 -10.16
C ILE C 203 -39.90 -7.37 -9.52
N CYS C 204 -40.56 -6.57 -8.69
CA CYS C 204 -39.83 -5.58 -7.90
C CYS C 204 -39.61 -6.12 -6.50
N ASN C 205 -38.39 -5.90 -5.99
CA ASN C 205 -37.94 -6.37 -4.70
C ASN C 205 -37.76 -5.17 -3.76
N VAL C 206 -38.53 -5.16 -2.69
CA VAL C 206 -38.58 -4.06 -1.73
C VAL C 206 -38.05 -4.56 -0.40
N ASN C 207 -37.13 -3.80 0.20
CA ASN C 207 -36.50 -4.17 1.46
C ASN C 207 -36.59 -3.00 2.43
N HIS C 208 -37.23 -3.22 3.57
CA HIS C 208 -37.37 -2.26 4.66
C HIS C 208 -36.75 -2.92 5.89
N LYS C 209 -35.45 -2.69 6.07
CA LYS C 209 -34.69 -3.24 7.17
C LYS C 209 -35.22 -2.81 8.54
N PRO C 210 -35.63 -1.55 8.75
CA PRO C 210 -36.12 -1.17 10.10
C PRO C 210 -37.29 -2.00 10.59
N SER C 211 -37.98 -2.73 9.71
CA SER C 211 -39.09 -3.57 10.14
C SER C 211 -38.93 -5.02 9.70
N ASN C 212 -37.75 -5.37 9.16
CA ASN C 212 -37.50 -6.69 8.59
C ASN C 212 -38.64 -7.08 7.66
N THR C 213 -38.79 -6.29 6.60
CA THR C 213 -39.81 -6.53 5.59
C THR C 213 -39.13 -6.70 4.24
N LYS C 214 -39.32 -7.86 3.62
CA LYS C 214 -38.85 -8.10 2.27
C LYS C 214 -40.06 -8.54 1.47
N VAL C 215 -40.49 -7.71 0.53
CA VAL C 215 -41.62 -8.01 -0.33
C VAL C 215 -41.13 -8.12 -1.76
N ASP C 216 -41.59 -9.16 -2.45
CA ASP C 216 -41.46 -9.25 -3.90
C ASP C 216 -42.84 -9.12 -4.50
N LYS C 217 -42.94 -8.42 -5.62
CA LYS C 217 -44.23 -8.28 -6.27
C LYS C 217 -44.06 -8.40 -7.77
N LYS C 218 -44.83 -9.31 -8.37
CA LYS C 218 -44.86 -9.47 -9.82
C LYS C 218 -45.80 -8.42 -10.40
N VAL C 219 -45.29 -7.56 -11.25
CA VAL C 219 -46.09 -6.54 -11.93
C VAL C 219 -46.44 -7.11 -13.31
N GLU C 220 -47.72 -7.39 -13.50
CA GLU C 220 -48.12 -8.08 -14.72
C GLU C 220 -49.08 -7.21 -15.52
N PRO C 221 -49.17 -7.42 -16.83
CA PRO C 221 -50.03 -6.57 -17.67
C PRO C 221 -51.48 -6.63 -17.23
N LYS C 222 -52.27 -5.72 -17.78
CA LYS C 222 -53.70 -5.66 -17.49
C LYS C 222 -54.43 -6.84 -18.10
N SER C 223 -55.72 -6.95 -17.74
CA SER C 223 -56.63 -8.03 -18.17
C SER C 223 -56.33 -8.69 -19.51
N ASP D 1 -26.06 36.40 14.81
CA ASP D 1 -24.73 35.90 14.50
C ASP D 1 -24.25 36.31 13.10
N ILE D 2 -23.72 35.35 12.35
CA ILE D 2 -23.20 35.60 11.01
C ILE D 2 -23.97 34.71 10.03
N GLN D 3 -24.59 35.34 9.04
CA GLN D 3 -25.30 34.64 7.99
C GLN D 3 -24.38 34.48 6.78
N MET D 4 -24.64 33.45 5.99
CA MET D 4 -23.83 33.14 4.83
C MET D 4 -24.72 32.89 3.63
N THR D 5 -24.54 33.72 2.60
CA THR D 5 -25.35 33.65 1.39
C THR D 5 -24.49 33.09 0.25
N GLN D 6 -24.87 31.92 -0.23
CA GLN D 6 -24.18 31.25 -1.30
C GLN D 6 -25.03 31.39 -2.56
N SER D 7 -24.39 31.76 -3.66
CA SER D 7 -25.14 31.95 -4.89
C SER D 7 -24.28 31.52 -6.08
N PRO D 8 -24.90 30.96 -7.13
CA PRO D 8 -26.34 30.68 -7.20
C PRO D 8 -26.66 29.42 -6.41
N SER D 9 -27.93 29.05 -6.32
CA SER D 9 -28.26 27.80 -5.64
C SER D 9 -28.12 26.60 -6.56
N SER D 10 -28.23 26.82 -7.86
CA SER D 10 -27.93 25.78 -8.84
C SER D 10 -27.43 26.44 -10.12
N LEU D 11 -26.59 25.73 -10.85
CA LEU D 11 -26.17 26.18 -12.16
C LEU D 11 -25.91 24.98 -13.05
N SER D 12 -26.18 25.15 -14.34
CA SER D 12 -25.93 24.13 -15.34
C SER D 12 -24.68 24.49 -16.13
N ALA D 13 -23.82 23.51 -16.35
CA ALA D 13 -22.54 23.75 -16.99
C ALA D 13 -22.15 22.54 -17.83
N SER D 14 -21.23 22.77 -18.77
CA SER D 14 -20.71 21.72 -19.63
C SER D 14 -19.28 21.37 -19.24
N VAL D 15 -18.92 20.10 -19.44
CA VAL D 15 -17.54 19.68 -19.29
C VAL D 15 -16.66 20.63 -20.08
N GLY D 16 -15.58 21.09 -19.46
CA GLY D 16 -14.70 22.09 -20.03
C GLY D 16 -14.95 23.51 -19.57
N ASP D 17 -16.15 23.81 -19.06
CA ASP D 17 -16.45 25.19 -18.69
C ASP D 17 -15.69 25.61 -17.43
N ARG D 18 -15.66 26.92 -17.19
N ARG D 18 -15.67 26.92 -17.18
CA ARG D 18 -15.18 27.49 -15.94
CA ARG D 18 -15.17 27.48 -15.94
C ARG D 18 -16.38 27.88 -15.09
C ARG D 18 -16.37 27.89 -15.09
N VAL D 19 -16.46 27.32 -13.89
CA VAL D 19 -17.58 27.52 -12.97
C VAL D 19 -17.08 28.35 -11.79
N THR D 20 -17.84 29.40 -11.45
CA THR D 20 -17.56 30.18 -10.24
C THR D 20 -18.79 30.16 -9.35
N ILE D 21 -18.57 29.87 -8.07
CA ILE D 21 -19.59 29.90 -7.03
C ILE D 21 -19.19 30.98 -6.06
N THR D 22 -20.15 31.77 -5.58
CA THR D 22 -19.78 32.83 -4.66
C THR D 22 -20.42 32.59 -3.29
N CYS D 23 -19.75 33.13 -2.28
CA CYS D 23 -20.17 33.04 -0.89
C CYS D 23 -19.94 34.40 -0.25
N ARG D 24 -21.00 34.96 0.35
CA ARG D 24 -20.91 36.24 1.04
C ARG D 24 -21.25 36.05 2.51
N ALA D 25 -20.36 36.50 3.38
CA ALA D 25 -20.57 36.44 4.82
C ALA D 25 -21.08 37.78 5.33
N SER D 26 -21.93 37.71 6.36
CA SER D 26 -22.52 38.95 6.87
C SER D 26 -21.53 39.77 7.69
N GLN D 27 -20.52 39.15 8.28
CA GLN D 27 -19.47 39.87 8.99
C GLN D 27 -18.10 39.49 8.45
N TYR D 28 -17.11 40.30 8.81
CA TYR D 28 -15.74 40.13 8.33
C TYR D 28 -15.12 38.89 8.96
N ILE D 29 -14.72 37.91 8.13
CA ILE D 29 -14.22 36.65 8.68
C ILE D 29 -12.85 36.28 8.11
N TYR D 30 -12.09 37.27 7.65
CA TYR D 30 -10.68 37.11 7.27
C TYR D 30 -10.55 36.02 6.21
N ASP D 31 -9.75 34.99 6.43
CA ASP D 31 -9.60 33.86 5.51
C ASP D 31 -10.29 32.61 6.02
N ASP D 32 -11.11 32.70 7.06
CA ASP D 32 -11.67 31.53 7.74
C ASP D 32 -12.93 31.05 7.02
N LEU D 33 -12.72 30.57 5.81
CA LEU D 33 -13.79 30.07 4.95
C LEU D 33 -13.29 28.80 4.29
N ASN D 34 -14.10 27.74 4.30
CA ASN D 34 -13.75 26.47 3.70
C ASN D 34 -14.79 26.09 2.66
N TRP D 35 -14.41 25.18 1.77
CA TRP D 35 -15.23 24.76 0.65
C TRP D 35 -15.23 23.24 0.59
N TYR D 36 -16.44 22.66 0.52
CA TYR D 36 -16.68 21.22 0.47
C TYR D 36 -17.52 20.85 -0.75
N GLN D 37 -17.34 19.62 -1.20
CA GLN D 37 -18.12 19.01 -2.27
C GLN D 37 -18.92 17.86 -1.68
N GLN D 38 -20.15 17.67 -2.15
CA GLN D 38 -20.96 16.54 -1.72
C GLN D 38 -21.75 16.01 -2.89
N LYS D 39 -21.74 14.71 -3.04
CA LYS D 39 -22.48 13.99 -4.05
C LYS D 39 -23.61 13.22 -3.40
N PRO D 40 -24.70 12.93 -4.13
CA PRO D 40 -25.89 12.32 -3.51
C PRO D 40 -25.56 11.06 -2.73
N GLY D 41 -25.91 11.06 -1.44
CA GLY D 41 -25.75 9.87 -0.62
C GLY D 41 -24.37 9.65 -0.03
N LYS D 42 -23.48 10.65 -0.10
CA LYS D 42 -22.14 10.48 0.44
C LYS D 42 -21.84 11.64 1.39
N ALA D 43 -20.81 11.43 2.21
CA ALA D 43 -20.33 12.46 3.11
C ALA D 43 -19.69 13.61 2.33
N PRO D 44 -19.66 14.80 2.91
CA PRO D 44 -18.97 15.92 2.26
C PRO D 44 -17.48 15.67 2.20
N LYS D 45 -16.82 16.36 1.29
CA LYS D 45 -15.41 16.18 1.01
C LYS D 45 -14.72 17.54 0.99
N LEU D 46 -13.66 17.68 1.75
CA LEU D 46 -12.95 18.96 1.81
C LEU D 46 -12.22 19.21 0.49
N LEU D 47 -12.44 20.40 -0.08
CA LEU D 47 -11.76 20.87 -1.28
C LEU D 47 -10.78 21.98 -0.99
N ILE D 48 -11.21 23.03 -0.29
CA ILE D 48 -10.36 24.20 -0.07
C ILE D 48 -10.53 24.67 1.36
N TYR D 49 -9.43 25.10 1.99
CA TYR D 49 -9.52 25.66 3.33
C TYR D 49 -8.78 26.99 3.40
N SER D 50 -9.10 27.75 4.46
CA SER D 50 -8.54 29.09 4.68
C SER D 50 -8.63 29.96 3.42
N ALA D 51 -9.78 29.88 2.75
CA ALA D 51 -10.17 30.65 1.57
C ALA D 51 -9.45 30.21 0.29
N SER D 52 -8.14 29.93 0.34
CA SER D 52 -7.38 29.73 -0.90
C SER D 52 -6.44 28.53 -0.88
N SER D 53 -6.41 27.74 0.18
CA SER D 53 -5.48 26.63 0.27
C SER D 53 -6.13 25.35 -0.26
N LEU D 54 -5.44 24.68 -1.18
CA LEU D 54 -5.94 23.46 -1.79
C LEU D 54 -5.62 22.29 -0.88
N GLN D 55 -6.64 21.49 -0.55
CA GLN D 55 -6.42 20.32 0.28
C GLN D 55 -5.65 19.26 -0.52
N SER D 56 -4.74 18.56 0.17
CA SER D 56 -3.95 17.51 -0.48
C SER D 56 -4.84 16.46 -1.12
N GLY D 57 -4.48 16.05 -2.34
CA GLY D 57 -5.24 15.08 -3.09
C GLY D 57 -6.32 15.66 -3.96
N VAL D 58 -6.57 16.95 -3.87
CA VAL D 58 -7.66 17.61 -4.60
C VAL D 58 -7.07 18.21 -5.87
N PRO D 59 -7.69 18.01 -7.04
CA PRO D 59 -7.06 18.46 -8.28
C PRO D 59 -6.88 19.97 -8.28
N SER D 60 -5.84 20.42 -8.99
CA SER D 60 -5.50 21.83 -9.00
C SER D 60 -6.47 22.69 -9.79
N ARG D 61 -7.42 22.08 -10.52
CA ARG D 61 -8.43 22.88 -11.20
C ARG D 61 -9.39 23.55 -10.22
N PHE D 62 -9.43 23.11 -8.96
CA PHE D 62 -10.18 23.80 -7.91
C PHE D 62 -9.29 24.88 -7.30
N SER D 63 -9.83 26.08 -7.19
CA SER D 63 -9.09 27.22 -6.66
C SER D 63 -10.05 28.07 -5.84
N GLY D 64 -9.56 28.62 -4.74
CA GLY D 64 -10.36 29.44 -3.86
C GLY D 64 -9.76 30.82 -3.75
N SER D 65 -10.62 31.83 -3.69
CA SER D 65 -10.19 33.20 -3.57
C SER D 65 -11.14 33.97 -2.65
N GLY D 66 -10.72 35.15 -2.25
CA GLY D 66 -11.57 36.05 -1.50
C GLY D 66 -11.04 36.29 -0.11
N SER D 67 -11.63 37.30 0.53
CA SER D 67 -11.16 37.67 1.85
C SER D 67 -12.13 38.67 2.46
N GLY D 68 -12.23 38.65 3.78
CA GLY D 68 -13.17 39.51 4.46
C GLY D 68 -14.58 38.97 4.44
N THR D 69 -15.38 39.38 3.45
CA THR D 69 -16.77 38.96 3.35
C THR D 69 -17.11 38.25 2.04
N ASP D 70 -16.37 38.47 0.98
CA ASP D 70 -16.70 37.90 -0.32
C ASP D 70 -15.63 36.89 -0.73
N PHE D 71 -16.12 35.70 -1.12
CA PHE D 71 -15.28 34.55 -1.44
C PHE D 71 -15.81 33.88 -2.70
N THR D 72 -14.90 33.33 -3.50
CA THR D 72 -15.28 32.58 -4.68
C THR D 72 -14.57 31.25 -4.73
N LEU D 73 -15.31 30.23 -5.15
CA LEU D 73 -14.76 28.94 -5.54
C LEU D 73 -14.76 28.89 -7.06
N THR D 74 -13.64 28.52 -7.66
CA THR D 74 -13.52 28.41 -9.11
C THR D 74 -13.07 27.01 -9.48
N ILE D 75 -13.84 26.37 -10.37
CA ILE D 75 -13.45 25.13 -11.02
C ILE D 75 -13.17 25.52 -12.47
N SER D 76 -11.90 25.63 -12.83
CA SER D 76 -11.52 25.78 -14.22
C SER D 76 -11.57 24.42 -14.90
N SER D 77 -12.05 24.40 -16.13
CA SER D 77 -12.20 23.16 -16.87
C SER D 77 -12.95 22.10 -16.07
N LEU D 78 -14.27 22.23 -16.00
CA LEU D 78 -15.11 21.26 -15.29
C LEU D 78 -14.92 19.87 -15.87
N GLN D 79 -14.76 18.88 -15.00
CA GLN D 79 -14.62 17.46 -15.32
C GLN D 79 -15.91 16.71 -15.01
N PRO D 80 -16.16 15.58 -15.67
CA PRO D 80 -17.42 14.85 -15.43
C PRO D 80 -17.67 14.50 -13.98
N GLU D 81 -16.62 14.31 -13.20
CA GLU D 81 -16.76 13.96 -11.80
C GLU D 81 -16.99 15.19 -10.90
N ASP D 82 -17.10 16.38 -11.47
CA ASP D 82 -17.24 17.59 -10.69
C ASP D 82 -18.68 18.02 -10.49
N PHE D 83 -19.63 17.41 -11.19
CA PHE D 83 -21.03 17.74 -11.02
C PHE D 83 -21.50 17.23 -9.68
N ALA D 84 -21.99 18.14 -8.84
CA ALA D 84 -22.20 17.85 -7.42
C ALA D 84 -22.67 19.11 -6.72
N THR D 85 -22.84 19.05 -5.41
CA THR D 85 -23.22 20.23 -4.64
C THR D 85 -22.01 20.73 -3.89
N TYR D 86 -21.87 22.05 -3.80
CA TYR D 86 -20.73 22.69 -3.16
C TYR D 86 -21.22 23.57 -2.00
N TYR D 87 -20.46 23.56 -0.90
CA TYR D 87 -20.82 24.33 0.27
C TYR D 87 -19.62 25.17 0.71
N CYS D 88 -19.86 26.44 1.00
CA CYS D 88 -18.92 27.21 1.80
C CYS D 88 -19.25 27.03 3.28
N GLN D 89 -18.27 27.37 4.12
CA GLN D 89 -18.39 27.11 5.56
C GLN D 89 -17.56 28.14 6.30
N GLN D 90 -18.21 28.89 7.19
CA GLN D 90 -17.48 29.82 8.05
C GLN D 90 -16.77 29.03 9.14
N ALA D 91 -15.48 29.28 9.31
CA ALA D 91 -14.66 28.50 10.23
C ALA D 91 -14.40 29.21 11.54
N TRP D 92 -14.59 30.52 11.58
CA TRP D 92 -14.34 31.37 12.73
C TRP D 92 -15.03 32.71 12.49
N PRO D 93 -15.70 33.29 13.50
CA PRO D 93 -15.83 32.78 14.87
C PRO D 93 -16.99 31.79 15.03
N TYR D 94 -17.09 31.15 16.20
CA TYR D 94 -18.26 30.34 16.50
C TYR D 94 -19.44 31.26 16.85
N PRO D 95 -20.68 30.81 16.60
CA PRO D 95 -21.04 29.52 16.02
C PRO D 95 -20.75 29.46 14.52
N LEU D 96 -20.34 28.28 14.05
CA LEU D 96 -20.04 28.11 12.64
C LEU D 96 -21.33 28.06 11.83
N THR D 97 -21.20 28.29 10.53
CA THR D 97 -22.34 28.13 9.64
C THR D 97 -21.87 27.66 8.27
N PHE D 98 -22.77 27.01 7.54
CA PHE D 98 -22.55 26.66 6.14
C PHE D 98 -23.41 27.54 5.24
N GLY D 99 -22.92 27.80 4.03
CA GLY D 99 -23.78 28.26 2.98
C GLY D 99 -24.84 27.23 2.64
N GLN D 100 -25.83 27.64 1.87
CA GLN D 100 -26.94 26.71 1.60
C GLN D 100 -26.66 25.81 0.41
N GLY D 101 -25.51 25.95 -0.23
CA GLY D 101 -25.09 25.02 -1.25
C GLY D 101 -25.40 25.51 -2.65
N THR D 102 -24.59 25.06 -3.60
CA THR D 102 -24.81 25.29 -5.02
C THR D 102 -24.73 23.94 -5.71
N LYS D 103 -25.79 23.56 -6.42
CA LYS D 103 -25.77 22.33 -7.20
C LYS D 103 -25.27 22.65 -8.61
N VAL D 104 -24.13 22.07 -8.97
CA VAL D 104 -23.59 22.16 -10.33
C VAL D 104 -24.06 20.93 -11.11
N GLU D 105 -24.96 21.17 -12.06
CA GLU D 105 -25.58 20.17 -12.91
C GLU D 105 -25.02 20.27 -14.33
N ILE D 106 -25.29 19.25 -15.13
CA ILE D 106 -24.71 19.16 -16.47
C ILE D 106 -25.73 19.61 -17.49
N LYS D 107 -25.28 20.39 -18.46
CA LYS D 107 -26.16 20.80 -19.55
C LYS D 107 -26.34 19.68 -20.56
N ARG D 108 -27.48 19.73 -21.22
CA ARG D 108 -27.77 18.89 -22.36
C ARG D 108 -28.92 19.55 -23.11
N THR D 109 -29.26 19.00 -24.26
CA THR D 109 -30.30 19.57 -25.08
C THR D 109 -31.67 19.35 -24.45
N VAL D 110 -32.61 20.22 -24.81
CA VAL D 110 -33.99 20.06 -24.37
C VAL D 110 -34.49 18.69 -24.81
N ALA D 111 -35.25 18.04 -23.93
CA ALA D 111 -35.76 16.70 -24.17
C ALA D 111 -37.16 16.59 -23.58
N ALA D 112 -38.13 16.17 -24.39
CA ALA D 112 -39.52 16.12 -23.95
C ALA D 112 -39.78 14.89 -23.09
N PRO D 113 -40.61 15.02 -22.06
CA PRO D 113 -40.93 13.85 -21.23
C PRO D 113 -41.83 12.88 -21.99
N SER D 114 -41.60 11.59 -21.74
CA SER D 114 -42.65 10.60 -21.97
C SER D 114 -43.57 10.58 -20.74
N VAL D 115 -44.88 10.67 -20.97
CA VAL D 115 -45.85 10.81 -19.89
C VAL D 115 -46.70 9.55 -19.82
N PHE D 116 -46.79 8.97 -18.61
CA PHE D 116 -47.61 7.79 -18.35
C PHE D 116 -48.50 8.05 -17.14
N ILE D 117 -49.74 7.54 -17.19
CA ILE D 117 -50.66 7.61 -16.06
C ILE D 117 -51.02 6.20 -15.62
N PHE D 118 -51.01 5.99 -14.30
CA PHE D 118 -51.29 4.70 -13.67
C PHE D 118 -52.48 4.83 -12.73
N PRO D 119 -53.60 4.16 -12.99
CA PRO D 119 -54.69 4.13 -12.01
C PRO D 119 -54.32 3.28 -10.81
N PRO D 120 -55.03 3.43 -9.69
CA PRO D 120 -54.74 2.60 -8.50
C PRO D 120 -55.00 1.12 -8.77
N SER D 121 -54.17 0.27 -8.18
CA SER D 121 -54.38 -1.17 -8.29
C SER D 121 -55.61 -1.59 -7.50
N ASP D 122 -56.15 -2.75 -7.84
CA ASP D 122 -57.32 -3.25 -7.13
C ASP D 122 -56.98 -3.63 -5.69
N GLU D 123 -55.75 -4.10 -5.45
CA GLU D 123 -55.30 -4.35 -4.09
C GLU D 123 -55.44 -3.11 -3.22
N GLN D 124 -54.84 -2.00 -3.65
CA GLN D 124 -54.87 -0.78 -2.85
C GLN D 124 -56.31 -0.33 -2.59
N LEU D 125 -57.15 -0.34 -3.63
CA LEU D 125 -58.55 0.02 -3.45
C LEU D 125 -59.21 -0.85 -2.39
N LYS D 126 -58.90 -2.15 -2.39
CA LYS D 126 -59.40 -3.04 -1.33
C LYS D 126 -58.95 -2.55 0.03
N SER D 127 -57.69 -2.10 0.14
CA SER D 127 -57.23 -1.54 1.41
C SER D 127 -57.90 -0.21 1.75
N GLY D 128 -58.64 0.40 0.83
CA GLY D 128 -59.39 1.59 1.15
C GLY D 128 -58.79 2.91 0.72
N THR D 129 -57.69 2.91 -0.04
CA THR D 129 -57.09 4.13 -0.55
C THR D 129 -56.76 3.96 -2.02
N ALA D 130 -56.66 5.10 -2.72
CA ALA D 130 -56.38 5.13 -4.13
C ALA D 130 -55.27 6.13 -4.41
N SER D 131 -54.20 5.66 -5.06
CA SER D 131 -53.11 6.50 -5.53
C SER D 131 -53.11 6.47 -7.05
N VAL D 132 -53.35 7.62 -7.67
CA VAL D 132 -53.14 7.77 -9.11
C VAL D 132 -51.73 8.33 -9.32
N VAL D 133 -50.94 7.68 -10.17
CA VAL D 133 -49.54 8.03 -10.37
C VAL D 133 -49.34 8.50 -11.81
N CYS D 134 -48.71 9.66 -11.95
CA CYS D 134 -48.37 10.22 -13.25
C CYS D 134 -46.85 10.33 -13.35
N LEU D 135 -46.29 9.83 -14.46
CA LEU D 135 -44.85 9.72 -14.63
C LEU D 135 -44.40 10.55 -15.82
N LEU D 136 -43.42 11.41 -15.59
CA LEU D 136 -42.73 12.15 -16.66
C LEU D 136 -41.34 11.53 -16.73
N ASN D 137 -41.04 10.87 -17.83
CA ASN D 137 -39.82 10.07 -17.94
C ASN D 137 -38.81 10.77 -18.82
N ASN D 138 -37.58 10.93 -18.30
CA ASN D 138 -36.43 11.37 -19.10
C ASN D 138 -36.66 12.68 -19.83
N PHE D 139 -36.63 13.81 -19.11
CA PHE D 139 -36.84 15.11 -19.72
C PHE D 139 -35.76 16.07 -19.25
N TYR D 140 -35.70 17.21 -19.93
CA TYR D 140 -34.73 18.25 -19.65
C TYR D 140 -35.21 19.54 -20.29
N PRO D 141 -35.13 20.69 -19.59
CA PRO D 141 -34.59 20.89 -18.24
C PRO D 141 -35.57 20.46 -17.14
N ARG D 142 -35.19 20.70 -15.88
CA ARG D 142 -35.94 20.13 -14.75
C ARG D 142 -37.33 20.73 -14.63
N GLU D 143 -37.48 22.04 -14.87
CA GLU D 143 -38.76 22.71 -14.68
C GLU D 143 -39.87 22.00 -15.44
N ALA D 144 -40.94 21.65 -14.71
CA ALA D 144 -42.08 20.97 -15.32
C ALA D 144 -43.33 21.24 -14.48
N LYS D 145 -44.43 21.59 -15.15
CA LYS D 145 -45.70 21.80 -14.47
C LYS D 145 -46.58 20.58 -14.68
N VAL D 146 -46.97 19.95 -13.57
CA VAL D 146 -47.87 18.81 -13.57
C VAL D 146 -49.17 19.23 -12.90
N GLN D 147 -50.29 19.01 -13.59
CA GLN D 147 -51.58 19.52 -13.14
C GLN D 147 -52.60 18.39 -13.22
N TRP D 148 -53.16 18.02 -12.08
CA TRP D 148 -54.19 16.99 -12.04
C TRP D 148 -55.56 17.61 -12.28
N LYS D 149 -56.37 16.94 -13.10
CA LYS D 149 -57.74 17.33 -13.36
C LYS D 149 -58.64 16.11 -13.14
N VAL D 150 -59.58 16.23 -12.23
CA VAL D 150 -60.54 15.18 -11.91
C VAL D 150 -61.90 15.64 -12.42
N ASP D 151 -62.36 15.03 -13.51
CA ASP D 151 -63.57 15.48 -14.20
C ASP D 151 -63.50 16.96 -14.52
N ASN D 152 -62.42 17.36 -15.21
CA ASN D 152 -62.12 18.72 -15.63
C ASN D 152 -61.96 19.68 -14.46
N ALA D 153 -62.01 19.20 -13.23
CA ALA D 153 -61.83 20.04 -12.06
C ALA D 153 -60.35 20.00 -11.67
N LEU D 154 -59.70 21.16 -11.78
CA LEU D 154 -58.32 21.29 -11.34
C LEU D 154 -58.20 20.97 -9.84
N GLN D 155 -57.17 20.21 -9.50
CA GLN D 155 -56.93 19.76 -8.14
C GLN D 155 -55.82 20.56 -7.47
N SER D 156 -55.82 20.52 -6.15
CA SER D 156 -54.73 21.10 -5.37
C SER D 156 -54.81 20.59 -3.95
N GLY D 157 -53.65 20.42 -3.33
CA GLY D 157 -53.57 19.93 -1.98
C GLY D 157 -53.60 18.42 -1.81
N ASN D 158 -53.90 17.65 -2.85
CA ASN D 158 -54.00 16.20 -2.71
C ASN D 158 -52.98 15.45 -3.57
N SER D 159 -51.91 16.11 -4.01
CA SER D 159 -50.90 15.47 -4.83
C SER D 159 -49.50 15.80 -4.31
N GLN D 160 -48.56 14.89 -4.57
CA GLN D 160 -47.17 15.09 -4.18
C GLN D 160 -46.24 14.66 -5.31
N GLU D 161 -45.17 15.43 -5.51
CA GLU D 161 -44.22 15.23 -6.59
C GLU D 161 -42.88 14.74 -6.07
N SER D 162 -42.17 13.97 -6.90
CA SER D 162 -40.82 13.53 -6.59
C SER D 162 -40.00 13.54 -7.87
N VAL D 163 -38.72 13.92 -7.77
CA VAL D 163 -37.86 14.12 -8.93
C VAL D 163 -36.54 13.38 -8.73
N THR D 164 -36.16 12.56 -9.71
CA THR D 164 -34.86 11.90 -9.62
C THR D 164 -33.75 12.92 -9.83
N GLU D 165 -32.53 12.51 -9.46
CA GLU D 165 -31.33 13.23 -9.85
C GLU D 165 -31.07 13.01 -11.34
N GLN D 166 -30.24 13.89 -11.92
CA GLN D 166 -29.90 13.77 -13.33
C GLN D 166 -29.36 12.37 -13.62
N ASP D 167 -29.93 11.74 -14.64
CA ASP D 167 -29.47 10.43 -15.06
C ASP D 167 -27.99 10.49 -15.44
N SER D 168 -27.24 9.47 -14.99
CA SER D 168 -25.80 9.44 -15.22
C SER D 168 -25.44 9.19 -16.68
N LYS D 169 -26.38 8.69 -17.49
CA LYS D 169 -26.11 8.32 -18.88
C LYS D 169 -26.63 9.34 -19.88
N ASP D 170 -27.86 9.83 -19.72
CA ASP D 170 -28.42 10.78 -20.68
C ASP D 170 -28.69 12.16 -20.08
N SER D 171 -28.35 12.37 -18.81
CA SER D 171 -28.44 13.68 -18.15
C SER D 171 -29.86 14.22 -18.02
N THR D 172 -30.89 13.38 -18.15
CA THR D 172 -32.27 13.83 -18.03
C THR D 172 -32.80 13.70 -16.60
N TYR D 173 -34.02 14.19 -16.40
CA TYR D 173 -34.75 14.06 -15.15
C TYR D 173 -36.00 13.20 -15.35
N SER D 174 -36.47 12.61 -14.27
CA SER D 174 -37.77 11.95 -14.25
C SER D 174 -38.52 12.44 -13.01
N LEU D 175 -39.84 12.55 -13.16
CA LEU D 175 -40.68 13.08 -12.10
C LEU D 175 -41.90 12.18 -11.94
N SER D 176 -42.32 11.99 -10.70
CA SER D 176 -43.55 11.26 -10.39
C SER D 176 -44.49 12.16 -9.61
N SER D 177 -45.73 12.25 -10.06
CA SER D 177 -46.78 12.99 -9.37
C SER D 177 -47.84 12.00 -8.90
N THR D 178 -48.11 11.98 -7.60
CA THR D 178 -49.06 11.04 -7.01
C THR D 178 -50.26 11.80 -6.44
N LEU D 179 -51.42 11.60 -7.06
CA LEU D 179 -52.69 12.08 -6.53
C LEU D 179 -53.24 11.02 -5.57
N THR D 180 -53.47 11.41 -4.31
CA THR D 180 -53.89 10.47 -3.28
C THR D 180 -55.29 10.80 -2.80
N LEU D 181 -56.20 9.83 -2.90
CA LEU D 181 -57.60 9.98 -2.53
C LEU D 181 -58.03 8.78 -1.69
N SER D 182 -59.09 8.95 -0.90
CA SER D 182 -59.73 7.81 -0.27
C SER D 182 -60.52 7.05 -1.33
N LYS D 183 -60.75 5.77 -1.07
CA LYS D 183 -61.53 4.95 -2.00
C LYS D 183 -62.86 5.62 -2.33
N ALA D 184 -63.55 6.14 -1.33
CA ALA D 184 -64.87 6.73 -1.58
C ALA D 184 -64.76 7.96 -2.47
N ASP D 185 -63.79 8.84 -2.22
CA ASP D 185 -63.64 10.00 -3.09
C ASP D 185 -63.20 9.60 -4.49
N TYR D 186 -62.41 8.52 -4.62
CA TYR D 186 -61.96 8.08 -5.93
C TYR D 186 -63.12 7.59 -6.79
N GLU D 187 -63.96 6.71 -6.24
CA GLU D 187 -65.07 6.11 -6.97
C GLU D 187 -66.28 7.03 -7.07
N LYS D 188 -66.12 8.30 -6.70
CA LYS D 188 -67.10 9.35 -6.85
C LYS D 188 -66.93 10.13 -8.16
N HIS D 189 -65.84 9.88 -8.89
CA HIS D 189 -65.52 10.58 -10.14
C HIS D 189 -65.19 9.57 -11.23
N LYS D 190 -65.19 10.05 -12.48
CA LYS D 190 -64.98 9.19 -13.65
C LYS D 190 -63.65 9.43 -14.35
N VAL D 191 -63.34 10.67 -14.72
CA VAL D 191 -62.20 10.96 -15.60
C VAL D 191 -61.03 11.44 -14.76
N TYR D 192 -59.90 10.76 -14.85
CA TYR D 192 -58.68 11.16 -14.16
C TYR D 192 -57.61 11.52 -15.19
N ALA D 193 -57.16 12.78 -15.16
CA ALA D 193 -56.29 13.33 -16.18
C ALA D 193 -55.07 13.98 -15.55
N CYS D 194 -53.91 13.75 -16.18
CA CYS D 194 -52.65 14.37 -15.80
C CYS D 194 -52.20 15.26 -16.95
N GLU D 195 -52.02 16.55 -16.69
CA GLU D 195 -51.64 17.51 -17.72
C GLU D 195 -50.24 18.02 -17.46
N VAL D 196 -49.40 17.95 -18.48
CA VAL D 196 -47.97 18.17 -18.37
C VAL D 196 -47.58 19.27 -19.34
N THR D 197 -46.93 20.31 -18.82
CA THR D 197 -46.35 21.34 -19.68
C THR D 197 -44.85 21.40 -19.44
N HIS D 198 -44.10 21.48 -20.54
CA HIS D 198 -42.65 21.43 -20.46
C HIS D 198 -42.07 22.14 -21.68
N GLN D 199 -40.89 22.74 -21.51
CA GLN D 199 -40.26 23.53 -22.57
C GLN D 199 -40.16 22.74 -23.87
N GLY D 200 -39.86 21.45 -23.77
CA GLY D 200 -39.71 20.59 -24.93
C GLY D 200 -40.97 20.17 -25.62
N LEU D 201 -42.15 20.60 -25.15
CA LEU D 201 -43.41 20.29 -25.78
C LEU D 201 -44.00 21.57 -26.37
N SER D 202 -44.48 21.50 -27.61
CA SER D 202 -45.07 22.69 -28.21
C SER D 202 -46.38 23.06 -27.53
N SER D 203 -47.13 22.08 -27.05
CA SER D 203 -48.36 22.32 -26.30
C SER D 203 -48.47 21.27 -25.20
N PRO D 204 -49.21 21.57 -24.12
CA PRO D 204 -49.30 20.62 -23.00
C PRO D 204 -49.85 19.27 -23.43
N VAL D 205 -49.31 18.21 -22.83
CA VAL D 205 -49.72 16.84 -23.11
C VAL D 205 -50.59 16.34 -21.97
N THR D 206 -51.66 15.63 -22.29
CA THR D 206 -52.56 15.08 -21.29
C THR D 206 -52.66 13.57 -21.45
N LYS D 207 -52.41 12.86 -20.35
CA LYS D 207 -52.68 11.43 -20.23
C LYS D 207 -53.85 11.28 -19.26
N SER D 208 -54.82 10.45 -19.64
CA SER D 208 -56.01 10.31 -18.82
C SER D 208 -56.62 8.93 -18.97
N PHE D 209 -57.44 8.57 -18.00
CA PHE D 209 -58.20 7.33 -18.06
C PHE D 209 -59.57 7.57 -17.43
N ASN D 210 -60.52 6.73 -17.84
CA ASN D 210 -61.85 6.77 -17.26
C ASN D 210 -62.00 5.55 -16.36
N ARG D 211 -62.38 5.82 -15.11
CA ARG D 211 -62.49 4.78 -14.10
C ARG D 211 -63.43 3.68 -14.59
N GLY D 212 -62.96 2.44 -14.54
CA GLY D 212 -63.72 1.31 -15.05
C GLY D 212 -63.04 0.54 -16.17
N GLU D 213 -62.52 1.26 -17.17
CA GLU D 213 -61.90 0.64 -18.34
C GLU D 213 -60.74 -0.28 -17.99
N THR E 1 -10.41 43.21 24.24
CA THR E 1 -11.00 43.24 25.57
C THR E 1 -10.38 42.20 26.51
N ASN E 2 -9.37 41.47 26.02
CA ASN E 2 -8.67 40.46 26.80
C ASN E 2 -7.17 40.70 26.76
N LEU E 3 -6.48 40.19 27.77
CA LEU E 3 -5.04 39.94 27.65
C LEU E 3 -4.84 38.58 27.01
N CYS E 4 -3.87 38.49 26.11
CA CYS E 4 -3.73 37.28 25.32
C CYS E 4 -3.37 36.11 26.22
N PRO E 5 -3.95 34.94 26.01
CA PRO E 5 -3.81 33.82 26.94
C PRO E 5 -2.52 33.02 26.75
N PHE E 6 -1.38 33.72 26.83
CA PHE E 6 -0.10 33.07 26.59
C PHE E 6 0.24 32.04 27.66
N GLY E 7 -0.33 32.17 28.85
CA GLY E 7 -0.12 31.15 29.87
C GLY E 7 -0.70 29.81 29.49
N GLU E 8 -1.87 29.82 28.84
CA GLU E 8 -2.49 28.57 28.43
C GLU E 8 -1.63 27.84 27.40
N VAL E 9 -0.90 28.58 26.56
CA VAL E 9 -0.04 27.95 25.56
C VAL E 9 1.29 27.54 26.16
N PHE E 10 2.01 28.51 26.75
CA PHE E 10 3.38 28.26 27.21
C PHE E 10 3.41 27.40 28.46
N ASN E 11 2.51 27.65 29.40
CA ASN E 11 2.45 26.90 30.65
C ASN E 11 1.49 25.72 30.57
N ALA E 12 1.13 25.29 29.35
CA ALA E 12 0.19 24.21 29.16
C ALA E 12 0.63 22.95 29.90
N THR E 13 -0.34 22.20 30.40
CA THR E 13 -0.04 21.01 31.18
C THR E 13 0.43 19.85 30.31
N ARG E 14 0.05 19.82 29.04
CA ARG E 14 0.49 18.79 28.11
C ARG E 14 0.89 19.45 26.80
N PHE E 15 1.91 18.89 26.15
CA PHE E 15 2.34 19.33 24.84
C PHE E 15 2.14 18.22 23.82
N ALA E 16 1.79 18.63 22.61
CA ALA E 16 1.55 17.67 21.54
C ALA E 16 2.86 17.06 21.05
N SER E 17 2.73 15.93 20.37
CA SER E 17 3.83 15.44 19.53
C SER E 17 3.96 16.34 18.31
N VAL E 18 5.20 16.49 17.83
CA VAL E 18 5.44 17.41 16.72
C VAL E 18 4.61 17.03 15.50
N TYR E 19 4.46 15.74 15.23
CA TYR E 19 3.73 15.32 14.04
C TYR E 19 2.26 15.67 14.15
N ALA E 20 1.74 15.73 15.37
CA ALA E 20 0.36 16.11 15.57
C ALA E 20 0.34 17.46 16.27
N TRP E 21 1.18 18.39 15.80
CA TRP E 21 1.41 19.65 16.49
C TRP E 21 0.10 20.41 16.75
N ASN E 22 0.10 21.19 17.82
CA ASN E 22 -1.12 21.84 18.26
C ASN E 22 -1.17 23.29 17.80
N ARG E 23 -2.33 23.73 17.30
CA ARG E 23 -2.50 25.12 16.89
C ARG E 23 -3.62 25.78 17.70
N LYS E 24 -3.30 26.89 18.36
CA LYS E 24 -4.30 27.68 19.07
C LYS E 24 -4.34 29.06 18.44
N ARG E 25 -5.52 29.47 18.00
CA ARG E 25 -5.66 30.84 17.54
C ARG E 25 -5.59 31.80 18.73
N ILE E 26 -4.98 32.95 18.49
CA ILE E 26 -4.94 34.03 19.47
C ILE E 26 -5.56 35.25 18.78
N SER E 27 -6.69 35.72 19.33
CA SER E 27 -7.42 36.82 18.72
C SER E 27 -8.10 37.65 19.80
N ASN E 28 -8.44 38.88 19.43
CA ASN E 28 -9.20 39.82 20.27
C ASN E 28 -8.55 40.00 21.65
N CYS E 29 -7.29 40.39 21.64
CA CYS E 29 -6.55 40.52 22.89
C CYS E 29 -5.31 41.37 22.67
N VAL E 30 -4.72 41.79 23.78
CA VAL E 30 -3.49 42.57 23.79
C VAL E 30 -2.37 41.66 24.29
N ALA E 31 -1.33 41.51 23.48
CA ALA E 31 -0.22 40.64 23.81
C ALA E 31 0.95 41.50 24.29
N ASP E 32 1.31 41.34 25.56
CA ASP E 32 2.56 41.88 26.06
C ASP E 32 3.64 40.88 25.65
N TYR E 33 4.38 41.19 24.59
CA TYR E 33 5.47 40.31 24.20
C TYR E 33 6.65 40.47 25.14
N SER E 34 6.91 41.70 25.62
CA SER E 34 8.08 41.95 26.44
C SER E 34 8.09 41.09 27.70
N VAL E 35 6.92 40.80 28.28
CA VAL E 35 6.93 39.93 29.46
C VAL E 35 7.43 38.53 29.13
N LEU E 36 7.34 38.11 27.87
CA LEU E 36 7.96 36.85 27.51
C LEU E 36 9.47 36.98 27.33
N TYR E 37 9.91 37.93 26.49
CA TYR E 37 11.33 38.02 26.16
C TYR E 37 12.14 38.62 27.32
N ASN E 38 11.60 39.64 27.99
CA ASN E 38 12.30 40.21 29.14
C ASN E 38 12.35 39.21 30.29
N SER E 39 11.40 38.28 30.35
CA SER E 39 11.49 37.12 31.22
C SER E 39 12.15 35.97 30.45
N ALA E 40 13.44 36.19 30.13
CA ALA E 40 14.20 35.33 29.20
C ALA E 40 14.59 34.02 29.88
N SER E 41 13.66 33.07 29.84
CA SER E 41 13.90 31.70 30.28
C SER E 41 13.91 30.74 29.08
N PHE E 42 14.26 31.26 27.91
CA PHE E 42 14.12 30.54 26.65
C PHE E 42 15.48 30.34 26.00
N SER E 43 15.77 29.09 25.61
CA SER E 43 16.97 28.80 24.85
C SER E 43 16.90 29.35 23.43
N THR E 44 15.69 29.59 22.91
CA THR E 44 15.55 30.12 21.55
C THR E 44 14.41 31.14 21.50
N PHE E 45 14.66 32.24 20.79
CA PHE E 45 13.67 33.30 20.62
C PHE E 45 14.01 34.14 19.39
N LYS E 46 13.83 33.58 18.20
CA LYS E 46 14.21 34.24 16.96
C LYS E 46 12.98 34.68 16.17
N CYS E 47 13.00 35.90 15.64
CA CYS E 47 11.88 36.40 14.87
C CYS E 47 12.26 36.60 13.41
N TYR E 48 11.23 36.59 12.56
CA TYR E 48 11.36 36.60 11.11
C TYR E 48 10.30 37.54 10.56
N GLY E 49 10.74 38.62 9.91
CA GLY E 49 9.84 39.60 9.33
C GLY E 49 9.51 40.75 10.26
N VAL E 50 9.87 40.64 11.53
CA VAL E 50 9.71 41.68 12.53
C VAL E 50 10.92 41.58 13.45
N SER E 51 11.10 42.61 14.28
CA SER E 51 12.18 42.60 15.26
C SER E 51 11.61 42.43 16.65
N PRO E 52 12.21 41.57 17.49
CA PRO E 52 11.59 41.28 18.80
C PRO E 52 11.36 42.52 19.65
N THR E 53 12.14 43.57 19.43
CA THR E 53 12.03 44.79 20.24
C THR E 53 10.86 45.66 19.82
N LYS E 54 10.40 45.54 18.57
CA LYS E 54 9.31 46.36 18.06
C LYS E 54 7.96 45.65 18.13
N LEU E 55 7.88 44.50 18.80
CA LEU E 55 6.66 43.69 18.79
C LEU E 55 5.55 44.35 19.58
N ASN E 56 5.89 44.95 20.73
CA ASN E 56 4.87 45.60 21.55
C ASN E 56 4.31 46.84 20.89
N ASP E 57 4.93 47.32 19.81
CA ASP E 57 4.45 48.49 19.10
C ASP E 57 3.61 48.13 17.88
N LEU E 58 3.34 46.85 17.65
CA LEU E 58 2.73 46.37 16.42
C LEU E 58 1.34 45.80 16.69
N CYS E 59 0.50 45.86 15.65
CA CYS E 59 -0.77 45.17 15.61
C CYS E 59 -0.73 44.14 14.49
N PHE E 60 -1.34 42.98 14.72
CA PHE E 60 -1.29 41.90 13.74
C PHE E 60 -2.69 41.40 13.45
N THR E 61 -2.75 40.48 12.50
CA THR E 61 -3.96 39.75 12.17
C THR E 61 -3.56 38.30 11.91
N ASN E 62 -4.50 37.38 12.16
CA ASN E 62 -4.29 35.95 11.95
C ASN E 62 -3.11 35.43 12.78
N VAL E 63 -3.21 35.59 14.10
CA VAL E 63 -2.12 35.20 15.01
C VAL E 63 -2.37 33.79 15.52
N TYR E 64 -1.37 32.92 15.37
CA TYR E 64 -1.50 31.53 15.78
C TYR E 64 -0.32 31.12 16.65
N ALA E 65 -0.60 30.26 17.63
CA ALA E 65 0.42 29.68 18.48
C ALA E 65 0.44 28.17 18.22
N ASP E 66 1.43 27.71 17.47
CA ASP E 66 1.67 26.29 17.28
C ASP E 66 2.63 25.82 18.36
N SER E 67 2.44 24.60 18.84
CA SER E 67 3.29 24.11 19.93
C SER E 67 3.47 22.61 19.83
N PHE E 68 4.67 22.16 20.22
CA PHE E 68 5.02 20.75 20.14
C PHE E 68 6.32 20.53 20.91
N VAL E 69 6.77 19.28 20.95
CA VAL E 69 8.04 18.89 21.57
C VAL E 69 8.92 18.22 20.52
N ILE E 70 10.21 18.58 20.52
CA ILE E 70 11.20 17.93 19.65
C ILE E 70 12.50 17.76 20.42
N ARG E 71 13.56 17.33 19.75
CA ARG E 71 14.89 17.25 20.35
C ARG E 71 15.65 18.56 20.15
N GLY E 72 16.66 18.77 21.01
CA GLY E 72 17.45 19.98 20.93
C GLY E 72 18.10 20.19 19.58
N ASP E 73 18.65 19.13 18.99
CA ASP E 73 19.31 19.23 17.69
C ASP E 73 18.32 19.50 16.56
N GLU E 74 17.01 19.33 16.79
CA GLU E 74 16.00 19.60 15.78
C GLU E 74 15.40 20.99 15.85
N VAL E 75 15.65 21.74 16.92
CA VAL E 75 15.12 23.11 16.97
C VAL E 75 15.59 23.91 15.77
N ARG E 76 16.82 23.63 15.32
CA ARG E 76 17.39 24.27 14.12
C ARG E 76 16.44 24.18 12.92
N GLN E 77 15.63 23.12 12.84
CA GLN E 77 14.75 22.91 11.70
C GLN E 77 13.47 23.75 11.76
N ILE E 78 13.11 24.28 12.93
CA ILE E 78 11.92 25.10 13.03
C ILE E 78 12.28 26.53 12.63
N ALA E 79 12.47 26.72 11.33
CA ALA E 79 12.94 27.98 10.78
C ALA E 79 12.67 27.95 9.27
N PRO E 80 12.52 29.09 8.62
CA PRO E 80 12.23 29.08 7.18
C PRO E 80 13.37 28.45 6.38
N GLY E 81 13.00 27.73 5.33
CA GLY E 81 13.96 27.13 4.42
C GLY E 81 14.91 26.14 5.05
N GLN E 82 14.40 25.22 5.86
CA GLN E 82 15.22 24.18 6.45
C GLN E 82 14.87 22.82 5.86
N THR E 83 15.67 21.82 6.21
CA THR E 83 15.52 20.48 5.69
C THR E 83 15.78 19.49 6.82
N GLY E 84 15.16 18.32 6.72
CA GLY E 84 15.34 17.28 7.73
C GLY E 84 14.01 16.63 8.07
N LYS E 85 14.04 15.62 8.94
CA LYS E 85 12.83 14.85 9.20
C LYS E 85 11.72 15.73 9.75
N ILE E 86 12.05 16.65 10.66
CA ILE E 86 11.04 17.51 11.27
C ILE E 86 10.44 18.45 10.23
N ALA E 87 11.29 19.25 9.57
CA ALA E 87 10.81 20.25 8.62
C ALA E 87 10.13 19.61 7.42
N ASP E 88 10.66 18.47 6.94
CA ASP E 88 10.07 17.87 5.75
C ASP E 88 8.78 17.11 6.08
N TYR E 89 8.75 16.43 7.21
CA TYR E 89 7.72 15.44 7.48
C TYR E 89 6.79 15.79 8.62
N ASN E 90 7.10 16.79 9.44
CA ASN E 90 6.33 17.02 10.65
C ASN E 90 5.76 18.42 10.76
N TYR E 91 6.62 19.44 10.68
CA TYR E 91 6.21 20.84 10.82
C TYR E 91 7.07 21.70 9.91
N LYS E 92 6.46 22.32 8.90
CA LYS E 92 7.15 23.08 7.86
C LYS E 92 6.68 24.52 7.89
N LEU E 93 7.61 25.45 8.12
CA LEU E 93 7.41 26.89 8.02
C LEU E 93 7.58 27.37 6.59
N PRO E 94 6.78 28.33 6.14
CA PRO E 94 6.96 28.87 4.79
C PRO E 94 8.24 29.70 4.70
N ASP E 95 8.71 29.86 3.47
CA ASP E 95 9.91 30.68 3.26
C ASP E 95 9.63 32.15 3.54
N ASP E 96 8.39 32.60 3.32
CA ASP E 96 7.95 33.97 3.59
C ASP E 96 7.55 34.19 5.04
N PHE E 97 8.00 33.35 5.96
CA PHE E 97 7.45 33.31 7.31
C PHE E 97 7.61 34.63 8.05
N THR E 98 6.51 35.10 8.63
CA THR E 98 6.51 36.24 9.56
C THR E 98 6.02 35.73 10.90
N GLY E 99 6.91 35.72 11.89
CA GLY E 99 6.55 35.23 13.20
C GLY E 99 7.80 35.04 14.03
N CYS E 100 7.61 34.47 15.22
CA CYS E 100 8.72 34.20 16.12
C CYS E 100 8.70 32.75 16.55
N VAL E 101 9.88 32.13 16.56
CA VAL E 101 10.06 30.78 17.09
C VAL E 101 10.66 30.92 18.48
N ILE E 102 10.05 30.20 19.44
CA ILE E 102 10.44 30.24 20.85
C ILE E 102 10.60 28.81 21.31
N ALA E 103 11.64 28.54 22.10
CA ALA E 103 11.87 27.18 22.54
C ALA E 103 12.62 27.19 23.85
N TRP E 104 12.38 26.15 24.65
CA TRP E 104 13.12 25.97 25.89
C TRP E 104 13.27 24.48 26.19
N ASN E 105 14.20 24.18 27.09
CA ASN E 105 14.49 22.81 27.49
C ASN E 105 13.45 22.32 28.49
N SER E 106 12.95 21.11 28.27
CA SER E 106 11.89 20.55 29.10
C SER E 106 12.28 19.19 29.67
N ASN E 107 13.58 18.90 29.75
CA ASN E 107 14.05 17.64 30.33
C ASN E 107 13.45 17.42 31.72
N ASN E 108 13.37 18.49 32.51
CA ASN E 108 12.76 18.43 33.84
C ASN E 108 11.35 17.86 33.80
N LEU E 109 10.63 18.05 32.70
CA LEU E 109 9.22 17.70 32.61
C LEU E 109 8.94 16.53 31.66
N ASP E 110 9.59 16.50 30.51
CA ASP E 110 9.25 15.57 29.45
C ASP E 110 10.15 14.34 29.41
N SER E 111 11.04 14.19 30.39
CA SER E 111 11.89 13.00 30.53
C SER E 111 11.48 12.21 31.75
N LYS E 112 11.57 10.88 31.64
CA LYS E 112 11.27 10.00 32.75
C LYS E 112 12.36 8.93 32.83
N VAL E 113 12.50 8.35 34.03
CA VAL E 113 13.47 7.26 34.20
C VAL E 113 13.04 6.08 33.34
N GLY E 114 14.01 5.49 32.64
CA GLY E 114 13.71 4.44 31.69
C GLY E 114 13.17 4.93 30.36
N GLY E 115 13.01 6.22 30.18
CA GLY E 115 12.55 6.72 28.90
C GLY E 115 11.13 7.21 28.96
N ASN E 116 10.86 8.27 28.20
CA ASN E 116 9.52 8.77 27.96
C ASN E 116 9.27 8.61 26.47
N TYR E 117 8.39 7.68 26.12
CA TYR E 117 8.14 7.32 24.73
C TYR E 117 6.81 7.87 24.23
N ASN E 118 6.21 8.81 24.96
CA ASN E 118 4.91 9.35 24.58
C ASN E 118 5.03 10.29 23.39
N TYR E 119 6.11 11.05 23.29
CA TYR E 119 6.30 11.99 22.19
C TYR E 119 6.82 11.27 20.95
N LEU E 120 6.16 11.51 19.82
CA LEU E 120 6.45 10.82 18.57
C LEU E 120 6.79 11.82 17.48
N TYR E 121 7.36 11.30 16.40
CA TYR E 121 7.61 12.08 15.19
C TYR E 121 7.41 11.18 13.99
N ARG E 122 7.13 11.79 12.85
CA ARG E 122 7.00 11.06 11.59
C ARG E 122 8.38 10.92 10.96
N LEU E 123 8.72 9.67 10.59
CA LEU E 123 10.02 9.35 10.01
C LEU E 123 9.96 9.16 8.50
N PHE E 124 8.81 8.78 7.96
CA PHE E 124 8.66 8.52 6.53
C PHE E 124 7.42 9.23 6.03
N ARG E 125 7.45 9.61 4.75
CA ARG E 125 6.30 10.19 4.10
C ARG E 125 6.57 10.21 2.59
N LYS E 126 5.52 10.00 1.80
CA LYS E 126 5.68 9.97 0.34
C LYS E 126 6.13 11.30 -0.22
N SER E 127 5.97 12.40 0.50
CA SER E 127 6.42 13.71 0.04
C SER E 127 6.52 14.66 1.22
N ASN E 128 7.11 15.82 0.95
CA ASN E 128 7.33 16.81 1.98
C ASN E 128 6.05 17.59 2.26
N LEU E 129 5.91 18.01 3.50
CA LEU E 129 4.76 18.82 3.89
C LEU E 129 4.85 20.19 3.23
N LYS E 130 3.72 20.65 2.71
CA LYS E 130 3.57 22.06 2.42
C LYS E 130 3.57 22.84 3.73
N PRO E 131 3.89 24.14 3.69
CA PRO E 131 3.91 24.93 4.93
C PRO E 131 2.61 24.82 5.71
N PHE E 132 2.73 24.60 7.02
CA PHE E 132 1.63 24.52 7.97
C PHE E 132 0.70 23.33 7.72
N GLU E 133 1.08 22.38 6.89
CA GLU E 133 0.32 21.15 6.76
C GLU E 133 0.46 20.32 8.05
N ARG E 134 -0.50 19.42 8.27
CA ARG E 134 -0.50 18.58 9.47
C ARG E 134 -0.94 17.18 9.06
N ASP E 135 -0.09 16.19 9.33
CA ASP E 135 -0.34 14.81 8.93
C ASP E 135 -0.35 13.95 10.17
N ILE E 136 -1.49 13.33 10.47
CA ILE E 136 -1.60 12.48 11.64
C ILE E 136 -1.91 11.02 11.26
N SER E 137 -1.71 10.66 10.00
CA SER E 137 -2.05 9.29 9.59
C SER E 137 -1.01 8.30 10.11
N THR E 138 -1.41 7.02 10.16
CA THR E 138 -0.56 5.95 10.68
C THR E 138 -0.45 4.79 9.69
N GLU E 139 -0.63 5.04 8.40
CA GLU E 139 -0.56 3.97 7.41
C GLU E 139 0.88 3.51 7.21
N ILE E 140 1.04 2.19 7.03
CA ILE E 140 2.36 1.61 6.81
C ILE E 140 3.00 2.23 5.59
N TYR E 141 4.23 2.69 5.73
CA TYR E 141 4.96 3.32 4.63
C TYR E 141 5.64 2.27 3.76
N GLN E 142 5.36 2.29 2.46
CA GLN E 142 5.94 1.33 1.51
C GLN E 142 7.25 1.89 0.98
N ALA E 143 8.37 1.41 1.52
CA ALA E 143 9.70 1.86 1.11
C ALA E 143 10.28 1.06 -0.05
N GLY E 144 9.64 -0.04 -0.45
CA GLY E 144 10.18 -0.87 -1.51
C GLY E 144 9.20 -1.07 -2.66
N SER E 145 9.31 -2.20 -3.34
CA SER E 145 8.56 -2.46 -4.56
C SER E 145 7.30 -3.26 -4.31
N THR E 146 7.06 -3.70 -3.09
CA THR E 146 5.90 -4.54 -2.79
C THR E 146 4.97 -3.81 -1.84
N PRO E 147 3.68 -3.73 -2.16
CA PRO E 147 2.74 -3.00 -1.29
C PRO E 147 2.51 -3.73 0.01
N CYS E 148 2.49 -2.97 1.11
CA CYS E 148 2.49 -3.55 2.44
C CYS E 148 1.14 -4.09 2.87
N ASN E 149 0.04 -3.55 2.32
CA ASN E 149 -1.32 -3.95 2.71
C ASN E 149 -1.48 -4.02 4.22
N GLY E 150 -1.01 -2.98 4.91
CA GLY E 150 -1.17 -2.88 6.34
C GLY E 150 -0.36 -3.85 7.17
N VAL E 151 0.68 -4.45 6.61
CA VAL E 151 1.57 -5.37 7.32
C VAL E 151 2.95 -4.72 7.43
N GLU E 152 3.48 -4.66 8.65
CA GLU E 152 4.85 -4.21 8.84
C GLU E 152 5.82 -5.35 8.56
N GLY E 153 6.96 -5.01 7.98
CA GLY E 153 7.92 -6.02 7.60
C GLY E 153 9.04 -5.40 6.82
N PHE E 154 9.74 -6.23 6.05
CA PHE E 154 10.83 -5.75 5.22
C PHE E 154 10.35 -4.62 4.31
N ASN E 155 11.02 -3.47 4.43
CA ASN E 155 10.68 -2.27 3.65
C ASN E 155 9.26 -1.76 3.91
N CYS E 156 8.63 -2.16 5.02
CA CYS E 156 7.24 -1.79 5.29
C CYS E 156 7.18 -1.26 6.73
N TYR E 157 7.18 0.07 6.86
CA TYR E 157 7.51 0.73 8.12
C TYR E 157 6.31 1.45 8.72
N PHE E 158 6.11 1.25 10.01
CA PHE E 158 5.23 2.13 10.75
C PHE E 158 5.78 3.54 10.66
N PRO E 159 4.97 4.52 10.26
CA PRO E 159 5.52 5.83 9.89
C PRO E 159 6.00 6.66 11.06
N LEU E 160 5.70 6.28 12.31
CA LEU E 160 6.03 7.12 13.45
C LEU E 160 7.05 6.43 14.34
N GLN E 161 7.92 7.23 14.95
CA GLN E 161 8.95 6.77 15.86
C GLN E 161 8.89 7.57 17.16
N SER E 162 9.11 6.88 18.27
CA SER E 162 9.17 7.54 19.57
C SER E 162 10.53 8.19 19.77
N TYR E 163 10.53 9.27 20.57
CA TYR E 163 11.79 9.94 20.90
C TYR E 163 12.56 9.18 21.97
N GLY E 164 11.89 8.70 23.01
CA GLY E 164 12.59 8.08 24.12
C GLY E 164 13.46 9.05 24.88
N PHE E 165 12.85 10.03 25.53
CA PHE E 165 13.61 11.02 26.29
C PHE E 165 13.99 10.43 27.64
N GLN E 166 15.29 10.33 27.91
CA GLN E 166 15.79 9.89 29.19
C GLN E 166 16.58 11.01 29.85
N PRO E 167 16.48 11.18 31.17
CA PRO E 167 17.09 12.35 31.82
C PRO E 167 18.58 12.51 31.52
N THR E 168 19.30 11.41 31.37
CA THR E 168 20.74 11.47 31.15
C THR E 168 21.13 11.67 29.68
N ASN E 169 20.16 11.96 28.82
CA ASN E 169 20.46 12.17 27.40
C ASN E 169 21.37 13.39 27.22
N GLY E 170 22.19 13.34 26.17
CA GLY E 170 22.91 14.53 25.76
C GLY E 170 21.96 15.65 25.38
N VAL E 171 22.44 16.90 25.49
CA VAL E 171 21.53 18.04 25.43
C VAL E 171 20.81 18.10 24.10
N GLY E 172 21.49 17.72 23.01
CA GLY E 172 20.84 17.70 21.72
C GLY E 172 19.81 16.61 21.57
N TYR E 173 19.83 15.61 22.46
CA TYR E 173 18.87 14.52 22.47
C TYR E 173 17.83 14.68 23.58
N GLN E 174 17.77 15.86 24.22
CA GLN E 174 16.85 16.16 25.30
C GLN E 174 15.61 16.86 24.77
N PRO E 175 14.48 16.75 25.47
CA PRO E 175 13.24 17.33 24.94
C PRO E 175 13.23 18.84 25.09
N TYR E 176 12.73 19.50 24.04
CA TYR E 176 12.52 20.94 24.03
C TYR E 176 11.06 21.20 23.66
N ARG E 177 10.42 22.08 24.42
CA ARG E 177 9.10 22.58 24.07
C ARG E 177 9.28 23.78 23.14
N VAL E 178 8.50 23.79 22.07
CA VAL E 178 8.56 24.81 21.03
C VAL E 178 7.18 25.45 20.88
N VAL E 179 7.16 26.77 20.80
CA VAL E 179 5.99 27.57 20.45
C VAL E 179 6.37 28.46 19.28
N VAL E 180 5.65 28.32 18.17
CA VAL E 180 5.79 29.18 17.00
C VAL E 180 4.61 30.15 16.97
N LEU E 181 4.91 31.45 17.05
CA LEU E 181 3.93 32.51 16.89
C LEU E 181 3.91 32.97 15.43
N SER E 182 2.79 32.79 14.76
CA SER E 182 2.63 33.17 13.37
C SER E 182 1.76 34.42 13.29
N PHE E 183 2.29 35.49 12.70
CA PHE E 183 1.52 36.71 12.45
C PHE E 183 1.38 36.95 10.95
N GLU E 184 0.39 37.77 10.61
CA GLU E 184 0.28 38.42 9.31
C GLU E 184 0.27 39.93 9.53
N LEU E 185 1.10 40.65 8.79
CA LEU E 185 1.21 42.09 8.97
C LEU E 185 -0.12 42.78 8.66
N LEU E 186 -0.33 43.95 9.27
CA LEU E 186 -1.62 44.61 9.26
C LEU E 186 -2.08 44.99 7.86
N HIS E 187 -3.11 44.31 7.36
CA HIS E 187 -3.76 44.71 6.11
C HIS E 187 -5.27 44.54 6.21
N ALA E 188 -5.79 44.40 7.41
CA ALA E 188 -7.19 44.11 7.68
C ALA E 188 -7.46 44.45 9.14
N PRO E 189 -8.73 44.49 9.57
CA PRO E 189 -9.01 44.82 10.98
C PRO E 189 -8.15 43.99 11.93
N ALA E 190 -7.46 44.66 12.83
CA ALA E 190 -6.48 44.00 13.67
C ALA E 190 -7.15 43.12 14.72
N THR E 191 -6.60 41.92 14.89
CA THR E 191 -7.10 40.96 15.88
C THR E 191 -6.28 40.96 17.18
N VAL E 192 -4.98 41.26 17.10
CA VAL E 192 -4.07 41.25 18.24
C VAL E 192 -3.16 42.46 18.14
N CYS E 193 -2.97 43.16 19.26
CA CYS E 193 -2.11 44.33 19.31
C CYS E 193 -1.19 44.25 20.53
N GLY E 194 0.03 44.78 20.37
CA GLY E 194 0.89 45.03 21.49
C GLY E 194 0.34 46.16 22.34
N PRO E 195 0.87 46.34 23.55
CA PRO E 195 0.32 47.39 24.44
C PRO E 195 0.46 48.80 23.88
N LYS E 196 1.41 49.02 22.98
CA LYS E 196 1.58 50.32 22.32
C LYS E 196 1.46 50.16 20.80
N GLY E 197 0.38 49.53 20.34
CA GLY E 197 0.22 49.18 18.94
C GLY E 197 -0.68 50.16 18.20
N SER E 198 -0.31 50.42 16.94
CA SER E 198 -0.97 51.39 16.08
C SER E 198 -1.77 50.66 14.99
N HIS E 199 -3.07 50.94 14.94
CA HIS E 199 -3.96 50.29 13.97
C HIS E 199 -3.83 50.92 12.58
#